data_7NBJ
#
_entry.id   7NBJ
#
_cell.length_a   46.434
_cell.length_b   62.347
_cell.length_c   108.387
_cell.angle_alpha   92.23
_cell.angle_beta   97.63
_cell.angle_gamma   112.06
#
_symmetry.space_group_name_H-M   'P 1'
#
loop_
_entity.id
_entity.type
_entity.pdbx_description
1 polymer 'Nicotinamide N-methyltransferase'
2 non-polymer 2-hydroxy-1-(4-(isoquinolin-5-yl)piperazin-1-yl)-2-methyl-3-(3-methyl-4-phenyl-1H-pyrazol-1-yl)propan-1-one
3 non-polymer GLYCEROL
4 water water
#
_entity_poly.entity_id   1
_entity_poly.type   'polypeptide(L)'
_entity_poly.pdbx_seq_one_letter_code
;MGSSHHHHHHSSGLVPRGSMESGFTSKDTYLSHFNPRDYLEKYYKFGSRHSAESQILKHLLKNLFKIFCLDGVKGDLLID
IGSGPTIYQLLSACESFKEIVVTDYSDQNLQELEKWLKAAPAAFDWSPVVTYVCDLEGNRVKGPEKEEKLRQAVKQVLKC
DVTQSQPLGAVPLPPADCVLSTLCLDAACPDLPTYCRALRNLGSLLKPGGFLVIMDALKSSYYMIGEQKFSSLPLGREAV
EAAVKEAGYTIEWFEVISQSYSSTMANNEGLFSLVARKLSRPL
;
_entity_poly.pdbx_strand_id   A,B,C,D
#
loop_
_chem_comp.id
_chem_comp.type
_chem_comp.name
_chem_comp.formula
GOL non-polymer GLYCEROL 'C3 H8 O3'
U7H non-polymer 2-hydroxy-1-(4-(isoquinolin-5-yl)piperazin-1-yl)-2-methyl-3-(3-methyl-4-phenyl-1H-pyrazol-1-yl)propan-1-one 'C27 H29 N5 O2'
#
# COMPACT_ATOMS: atom_id res chain seq x y z
N SER A 11 3.52 3.23 -16.07
CA SER A 11 2.51 4.07 -16.72
C SER A 11 1.69 4.94 -15.76
N SER A 12 2.15 5.09 -14.50
CA SER A 12 1.54 5.95 -13.48
C SER A 12 0.04 5.71 -13.21
N GLY A 13 -0.41 4.47 -13.34
CA GLY A 13 -1.80 4.13 -13.10
C GLY A 13 -2.78 4.59 -14.18
N LEU A 14 -2.29 5.30 -15.23
CA LEU A 14 -3.14 5.71 -16.38
C LEU A 14 -3.77 4.47 -17.03
N VAL A 15 -3.02 3.37 -17.01
CA VAL A 15 -3.38 2.10 -17.59
C VAL A 15 -2.88 0.99 -16.63
N PRO A 16 -3.51 -0.20 -16.60
CA PRO A 16 -3.02 -1.27 -15.71
C PRO A 16 -1.54 -1.65 -15.92
N ARG A 17 -0.94 -2.27 -14.90
CA ARG A 17 0.46 -2.68 -14.96
C ARG A 17 0.64 -3.75 -16.03
N GLY A 18 1.68 -3.61 -16.84
CA GLY A 18 2.01 -4.58 -17.88
C GLY A 18 1.06 -4.58 -19.06
N SER A 19 0.28 -3.51 -19.23
CA SER A 19 -0.69 -3.44 -20.32
C SER A 19 -0.43 -2.39 -21.40
N MET A 20 0.62 -1.54 -21.27
CA MET A 20 0.83 -0.44 -22.23
C MET A 20 0.83 -0.90 -23.69
N GLU A 21 1.62 -1.92 -23.99
CA GLU A 21 1.72 -2.41 -25.34
C GLU A 21 0.51 -3.25 -25.80
N SER A 22 0.07 -4.24 -25.02
CA SER A 22 -1.00 -5.16 -25.45
C SER A 22 -2.42 -4.78 -25.12
N GLY A 23 -2.63 -3.91 -24.15
CA GLY A 23 -3.97 -3.57 -23.70
C GLY A 23 -4.45 -4.37 -22.49
N PHE A 24 -3.65 -5.37 -22.07
CA PHE A 24 -4.00 -6.20 -20.94
C PHE A 24 -2.73 -6.63 -20.23
N THR A 25 -2.73 -6.61 -18.89
CA THR A 25 -1.64 -7.04 -18.01
C THR A 25 -1.05 -8.37 -18.46
N SER A 26 0.19 -8.34 -18.90
CA SER A 26 0.88 -9.56 -19.34
C SER A 26 1.11 -10.47 -18.13
N LYS A 27 1.04 -11.80 -18.33
CA LYS A 27 1.11 -12.75 -17.22
C LYS A 27 2.39 -12.65 -16.40
N ASP A 28 3.52 -12.22 -17.00
CA ASP A 28 4.77 -12.08 -16.23
C ASP A 28 4.74 -10.90 -15.23
N THR A 29 3.74 -10.01 -15.33
CA THR A 29 3.51 -8.98 -14.32
C THR A 29 3.18 -9.69 -12.97
N TYR A 30 2.60 -10.90 -13.02
CA TYR A 30 2.30 -11.72 -11.84
C TYR A 30 3.53 -12.38 -11.24
N LEU A 31 4.71 -12.20 -11.84
CA LEU A 31 5.98 -12.68 -11.35
C LEU A 31 6.85 -11.51 -10.93
N SER A 32 6.81 -10.40 -11.68
CA SER A 32 7.68 -9.27 -11.39
C SER A 32 7.08 -8.18 -10.56
N HIS A 33 5.80 -7.85 -10.75
CA HIS A 33 5.17 -6.73 -10.05
C HIS A 33 3.88 -7.17 -9.43
N PHE A 34 3.96 -8.09 -8.47
CA PHE A 34 2.78 -8.64 -7.83
C PHE A 34 3.14 -9.16 -6.45
N ASN A 35 2.42 -8.74 -5.42
CA ASN A 35 2.71 -9.15 -4.06
C ASN A 35 1.53 -9.85 -3.40
N PRO A 36 1.65 -11.16 -3.17
CA PRO A 36 0.55 -11.91 -2.55
C PRO A 36 0.18 -11.43 -1.16
N ARG A 37 1.16 -11.08 -0.33
CA ARG A 37 0.92 -10.61 1.04
C ARG A 37 0.07 -9.33 1.02
N ASP A 38 0.38 -8.41 0.10
CA ASP A 38 -0.37 -7.17 -0.02
C ASP A 38 -1.78 -7.44 -0.48
N TYR A 39 -1.96 -8.38 -1.42
CA TYR A 39 -3.28 -8.75 -1.90
C TYR A 39 -4.08 -9.42 -0.76
N LEU A 40 -3.46 -10.33 -0.01
CA LEU A 40 -4.13 -11.01 1.11
C LEU A 40 -4.59 -10.02 2.19
N GLU A 41 -3.75 -9.05 2.52
CA GLU A 41 -4.08 -8.09 3.55
C GLU A 41 -5.23 -7.19 3.11
N LYS A 42 -5.25 -6.82 1.82
CA LYS A 42 -6.27 -5.96 1.21
C LYS A 42 -7.66 -6.63 1.08
N TYR A 43 -7.70 -7.89 0.63
CA TYR A 43 -8.95 -8.55 0.35
C TYR A 43 -9.45 -9.57 1.41
N TYR A 44 -8.57 -10.06 2.30
CA TYR A 44 -8.96 -11.14 3.23
C TYR A 44 -8.63 -10.88 4.71
N LYS A 45 -8.19 -9.68 5.07
CA LYS A 45 -7.86 -9.26 6.44
C LYS A 45 -8.50 -7.88 6.53
N PHE A 46 -9.49 -7.74 7.40
CA PHE A 46 -10.35 -6.58 7.39
C PHE A 46 -10.16 -5.60 8.55
N GLY A 47 -9.91 -4.34 8.19
CA GLY A 47 -9.73 -3.25 9.16
C GLY A 47 -11.01 -2.81 9.83
N SER A 48 -12.17 -3.11 9.21
CA SER A 48 -13.51 -2.77 9.68
C SER A 48 -14.49 -3.92 9.44
N ARG A 49 -15.67 -3.89 10.09
CA ARG A 49 -16.69 -4.90 9.85
C ARG A 49 -17.61 -4.54 8.66
N HIS A 50 -18.29 -5.54 8.10
CA HIS A 50 -19.23 -5.43 7.00
C HIS A 50 -18.69 -4.68 5.78
N SER A 51 -17.39 -4.87 5.48
CA SER A 51 -16.82 -4.26 4.29
C SER A 51 -17.35 -5.03 3.07
N ALA A 52 -17.28 -4.41 1.91
CA ALA A 52 -17.71 -5.01 0.65
C ALA A 52 -16.87 -6.29 0.37
N GLU A 53 -15.57 -6.29 0.75
CA GLU A 53 -14.67 -7.44 0.58
C GLU A 53 -15.11 -8.61 1.45
N SER A 54 -15.54 -8.31 2.68
N SER A 54 -15.55 -8.32 2.67
CA SER A 54 -16.03 -9.31 3.65
CA SER A 54 -16.02 -9.34 3.61
C SER A 54 -17.35 -9.93 3.17
C SER A 54 -17.35 -9.94 3.15
N GLN A 55 -18.24 -9.12 2.61
CA GLN A 55 -19.55 -9.56 2.13
C GLN A 55 -19.41 -10.50 0.93
N ILE A 56 -18.46 -10.19 0.05
CA ILE A 56 -18.15 -10.99 -1.11
C ILE A 56 -17.57 -12.34 -0.70
N LEU A 57 -16.61 -12.34 0.24
CA LEU A 57 -16.02 -13.57 0.76
C LEU A 57 -17.10 -14.49 1.40
N LYS A 58 -18.03 -13.93 2.20
CA LYS A 58 -19.10 -14.74 2.79
C LYS A 58 -20.01 -15.33 1.73
N HIS A 59 -20.23 -14.60 0.62
CA HIS A 59 -21.06 -15.10 -0.46
C HIS A 59 -20.36 -16.27 -1.14
N LEU A 60 -19.06 -16.14 -1.41
CA LEU A 60 -18.28 -17.19 -2.01
C LEU A 60 -18.29 -18.44 -1.12
N LEU A 61 -18.03 -18.25 0.18
CA LEU A 61 -18.04 -19.32 1.16
C LEU A 61 -19.39 -20.05 1.26
N LYS A 62 -20.53 -19.30 1.28
CA LYS A 62 -21.85 -19.96 1.32
C LYS A 62 -22.15 -20.68 0.00
N ASN A 63 -21.66 -20.16 -1.13
CA ASN A 63 -21.86 -20.80 -2.44
C ASN A 63 -21.05 -22.08 -2.53
N LEU A 64 -19.79 -22.06 -2.11
CA LEU A 64 -18.92 -23.25 -2.09
C LEU A 64 -19.52 -24.28 -1.12
N PHE A 65 -20.04 -23.83 0.02
CA PHE A 65 -20.69 -24.73 0.98
C PHE A 65 -21.89 -25.42 0.35
N LYS A 66 -22.72 -24.65 -0.37
CA LYS A 66 -23.91 -25.19 -1.02
C LYS A 66 -23.54 -26.18 -2.12
N ILE A 67 -22.58 -25.83 -2.99
CA ILE A 67 -22.14 -26.70 -4.07
C ILE A 67 -21.56 -28.03 -3.57
N PHE A 68 -20.62 -27.98 -2.62
CA PHE A 68 -19.92 -29.16 -2.19
C PHE A 68 -20.60 -29.96 -1.08
N CYS A 69 -21.43 -29.31 -0.25
CA CYS A 69 -22.03 -30.03 0.86
C CYS A 69 -23.50 -30.30 0.70
N LEU A 70 -24.23 -29.51 -0.11
CA LEU A 70 -25.67 -29.73 -0.26
C LEU A 70 -26.03 -30.29 -1.62
N ASP A 71 -25.30 -29.87 -2.65
CA ASP A 71 -25.52 -30.36 -3.99
C ASP A 71 -24.64 -31.62 -4.20
N GLY A 72 -24.79 -32.32 -5.32
CA GLY A 72 -24.03 -33.54 -5.56
C GLY A 72 -22.60 -33.41 -6.03
N VAL A 73 -21.94 -32.24 -5.79
CA VAL A 73 -20.56 -32.06 -6.29
C VAL A 73 -19.57 -32.75 -5.34
N LYS A 74 -19.24 -34.01 -5.70
CA LYS A 74 -18.42 -34.99 -4.97
C LYS A 74 -17.51 -35.75 -5.94
N GLY A 75 -16.50 -36.46 -5.42
CA GLY A 75 -15.60 -37.24 -6.27
C GLY A 75 -14.25 -37.49 -5.67
N ASP A 76 -13.34 -38.06 -6.45
CA ASP A 76 -12.02 -38.44 -6.00
C ASP A 76 -11.04 -37.30 -6.09
N LEU A 77 -10.91 -36.66 -7.26
CA LEU A 77 -9.95 -35.57 -7.43
C LEU A 77 -10.57 -34.24 -7.83
N LEU A 78 -10.16 -33.17 -7.14
CA LEU A 78 -10.53 -31.82 -7.52
C LEU A 78 -9.21 -31.08 -7.85
N ILE A 79 -9.18 -30.37 -8.98
CA ILE A 79 -8.01 -29.56 -9.32
C ILE A 79 -8.46 -28.11 -9.21
N ASP A 80 -7.76 -27.30 -8.40
CA ASP A 80 -8.07 -25.88 -8.28
C ASP A 80 -7.10 -25.14 -9.23
N ILE A 81 -7.66 -24.52 -10.25
CA ILE A 81 -6.87 -23.80 -11.26
C ILE A 81 -6.86 -22.29 -10.96
N GLY A 82 -5.68 -21.72 -10.79
CA GLY A 82 -5.53 -20.31 -10.46
C GLY A 82 -6.02 -20.04 -9.06
N SER A 83 -5.42 -20.75 -8.08
CA SER A 83 -5.76 -20.61 -6.67
C SER A 83 -5.39 -19.24 -6.09
N GLY A 84 -4.35 -18.62 -6.64
CA GLY A 84 -3.74 -17.44 -6.04
C GLY A 84 -3.04 -17.86 -4.76
N PRO A 85 -2.91 -16.95 -3.78
CA PRO A 85 -2.33 -17.34 -2.48
C PRO A 85 -3.42 -17.74 -1.45
N THR A 86 -4.65 -18.06 -1.92
CA THR A 86 -5.74 -18.33 -1.01
C THR A 86 -6.12 -19.79 -0.88
N ILE A 87 -6.75 -20.14 0.24
CA ILE A 87 -7.22 -21.50 0.46
C ILE A 87 -8.70 -21.57 0.89
N TYR A 88 -9.38 -20.39 1.06
CA TYR A 88 -10.79 -20.34 1.48
C TYR A 88 -11.71 -21.16 0.53
N GLN A 89 -11.35 -21.21 -0.77
CA GLN A 89 -12.14 -21.85 -1.80
C GLN A 89 -12.09 -23.38 -1.77
N LEU A 90 -11.27 -23.95 -0.87
CA LEU A 90 -11.10 -25.39 -0.74
C LEU A 90 -11.64 -25.94 0.55
N LEU A 91 -12.02 -25.07 1.53
CA LEU A 91 -12.48 -25.49 2.84
C LEU A 91 -13.66 -26.43 2.78
N SER A 92 -14.70 -26.10 2.01
CA SER A 92 -15.86 -27.00 1.91
C SER A 92 -15.61 -28.16 0.95
N ALA A 93 -14.81 -27.93 -0.11
CA ALA A 93 -14.49 -28.95 -1.11
C ALA A 93 -13.80 -30.17 -0.49
N CYS A 94 -13.00 -29.96 0.56
CA CYS A 94 -12.29 -31.04 1.22
C CYS A 94 -13.26 -32.05 1.94
N GLU A 95 -14.55 -31.70 2.08
CA GLU A 95 -15.54 -32.60 2.66
C GLU A 95 -16.10 -33.60 1.62
N SER A 96 -16.04 -33.27 0.32
CA SER A 96 -16.57 -34.04 -0.79
C SER A 96 -15.54 -34.63 -1.74
N PHE A 97 -14.27 -34.21 -1.64
CA PHE A 97 -13.22 -34.71 -2.52
C PHE A 97 -12.12 -35.32 -1.72
N LYS A 98 -11.66 -36.50 -2.15
CA LYS A 98 -10.59 -37.22 -1.48
C LYS A 98 -9.25 -36.54 -1.64
N GLU A 99 -8.98 -36.00 -2.84
CA GLU A 99 -7.70 -35.38 -3.13
C GLU A 99 -7.89 -34.04 -3.82
N ILE A 100 -7.05 -33.06 -3.45
CA ILE A 100 -7.08 -31.71 -4.01
C ILE A 100 -5.70 -31.36 -4.55
N VAL A 101 -5.64 -30.91 -5.79
CA VAL A 101 -4.40 -30.42 -6.38
C VAL A 101 -4.57 -28.90 -6.51
N VAL A 102 -3.68 -28.09 -5.90
CA VAL A 102 -3.79 -26.64 -5.97
C VAL A 102 -2.74 -26.08 -6.94
N THR A 103 -3.17 -25.15 -7.80
CA THR A 103 -2.29 -24.67 -8.86
C THR A 103 -2.38 -23.16 -9.06
N ASP A 104 -1.28 -22.53 -9.53
CA ASP A 104 -1.26 -21.11 -9.84
C ASP A 104 -0.12 -20.76 -10.81
N TYR A 105 -0.28 -19.67 -11.53
CA TYR A 105 0.76 -19.18 -12.42
C TYR A 105 1.84 -18.50 -11.61
N SER A 106 1.46 -17.69 -10.60
CA SER A 106 2.44 -16.93 -9.84
C SER A 106 3.27 -17.74 -8.86
N ASP A 107 4.59 -17.73 -9.04
CA ASP A 107 5.55 -18.42 -8.18
C ASP A 107 5.47 -17.91 -6.75
N GLN A 108 5.24 -16.60 -6.57
CA GLN A 108 5.10 -16.04 -5.21
C GLN A 108 3.77 -16.49 -4.56
N ASN A 109 2.72 -16.74 -5.37
CA ASN A 109 1.47 -17.30 -4.84
C ASN A 109 1.73 -18.74 -4.37
N LEU A 110 2.49 -19.52 -5.17
CA LEU A 110 2.85 -20.89 -4.81
C LEU A 110 3.67 -20.93 -3.50
N GLN A 111 4.58 -19.98 -3.32
CA GLN A 111 5.37 -19.88 -2.09
C GLN A 111 4.47 -19.63 -0.89
N GLU A 112 3.49 -18.76 -1.07
CA GLU A 112 2.48 -18.43 -0.07
C GLU A 112 1.63 -19.71 0.33
N LEU A 113 1.16 -20.49 -0.65
CA LEU A 113 0.41 -21.72 -0.41
C LEU A 113 1.27 -22.77 0.32
N GLU A 114 2.55 -22.95 -0.09
CA GLU A 114 3.41 -23.93 0.57
C GLU A 114 3.75 -23.54 2.04
N LYS A 115 3.79 -22.23 2.35
CA LYS A 115 3.98 -21.79 3.74
C LYS A 115 2.74 -22.16 4.58
N TRP A 116 1.55 -21.97 3.99
CA TRP A 116 0.30 -22.32 4.66
C TRP A 116 0.23 -23.84 4.85
N LEU A 117 0.54 -24.61 3.82
CA LEU A 117 0.52 -26.08 3.85
C LEU A 117 1.39 -26.68 4.97
N LYS A 118 2.58 -26.10 5.17
CA LYS A 118 3.53 -26.48 6.23
C LYS A 118 3.14 -25.92 7.62
N ALA A 119 2.13 -25.05 7.70
CA ALA A 119 1.73 -24.33 8.93
C ALA A 119 2.91 -23.50 9.47
N ALA A 120 3.67 -22.87 8.56
CA ALA A 120 4.80 -22.00 8.93
C ALA A 120 4.25 -20.80 9.67
N PRO A 121 4.95 -20.30 10.71
CA PRO A 121 4.43 -19.12 11.45
C PRO A 121 4.27 -17.88 10.56
N ALA A 122 5.07 -17.77 9.50
CA ALA A 122 5.01 -16.62 8.60
C ALA A 122 3.90 -16.69 7.55
N ALA A 123 3.09 -17.76 7.54
CA ALA A 123 2.00 -17.87 6.56
C ALA A 123 0.85 -16.95 6.98
N PHE A 124 -0.04 -16.59 6.02
CA PHE A 124 -1.25 -15.82 6.29
C PHE A 124 -2.15 -16.63 7.22
N ASP A 125 -2.84 -15.98 8.14
CA ASP A 125 -3.71 -16.68 9.09
C ASP A 125 -5.16 -16.77 8.56
N TRP A 126 -5.60 -17.98 8.20
CA TRP A 126 -6.95 -18.21 7.67
C TRP A 126 -7.98 -18.59 8.76
N SER A 127 -7.56 -18.70 10.03
CA SER A 127 -8.39 -19.08 11.19
C SER A 127 -9.81 -18.46 11.24
N PRO A 128 -10.00 -17.13 11.06
CA PRO A 128 -11.38 -16.60 11.15
C PRO A 128 -12.26 -17.12 10.01
N VAL A 129 -11.68 -17.33 8.82
CA VAL A 129 -12.43 -17.86 7.70
C VAL A 129 -12.74 -19.32 7.95
N VAL A 130 -11.78 -20.10 8.48
CA VAL A 130 -11.98 -21.50 8.78
C VAL A 130 -13.12 -21.67 9.81
N THR A 131 -13.13 -20.86 10.88
CA THR A 131 -14.20 -20.90 11.90
C THR A 131 -15.56 -20.61 11.24
N TYR A 132 -15.60 -19.64 10.30
CA TYR A 132 -16.80 -19.25 9.57
C TYR A 132 -17.37 -20.42 8.74
N VAL A 133 -16.50 -21.19 8.10
CA VAL A 133 -16.92 -22.36 7.31
C VAL A 133 -17.41 -23.48 8.23
N CYS A 134 -16.76 -23.64 9.40
CA CYS A 134 -17.13 -24.62 10.41
C CYS A 134 -18.54 -24.30 10.91
N ASP A 135 -18.86 -23.02 11.12
CA ASP A 135 -20.21 -22.63 11.54
C ASP A 135 -21.21 -22.97 10.45
N LEU A 136 -20.90 -22.66 9.17
CA LEU A 136 -21.79 -22.97 8.04
C LEU A 136 -22.11 -24.47 7.97
N GLU A 137 -21.10 -25.31 8.22
CA GLU A 137 -21.20 -26.75 8.12
C GLU A 137 -21.84 -27.43 9.31
N GLY A 138 -22.32 -26.67 10.30
CA GLY A 138 -23.05 -27.24 11.43
C GLY A 138 -22.27 -27.39 12.71
N ASN A 139 -21.07 -26.77 12.80
CA ASN A 139 -20.20 -26.87 13.97
C ASN A 139 -19.90 -28.34 14.33
N ARG A 140 -19.72 -29.18 13.33
CA ARG A 140 -19.40 -30.60 13.52
C ARG A 140 -18.00 -30.74 14.15
N VAL A 141 -17.05 -29.88 13.72
CA VAL A 141 -15.67 -29.80 14.21
C VAL A 141 -15.30 -28.31 14.42
N LYS A 142 -14.18 -28.03 15.09
CA LYS A 142 -13.71 -26.66 15.26
C LYS A 142 -12.62 -26.36 14.18
N GLY A 143 -12.20 -25.10 14.09
CA GLY A 143 -11.20 -24.61 13.16
C GLY A 143 -9.96 -25.45 12.92
N PRO A 144 -9.15 -25.76 13.97
CA PRO A 144 -7.91 -26.52 13.73
C PRO A 144 -8.11 -27.91 13.10
N GLU A 145 -9.14 -28.65 13.50
CA GLU A 145 -9.43 -29.94 12.89
C GLU A 145 -9.81 -29.76 11.42
N LYS A 146 -10.58 -28.69 11.12
CA LYS A 146 -10.95 -28.38 9.75
C LYS A 146 -9.71 -28.04 8.88
N GLU A 147 -8.76 -27.21 9.41
CA GLU A 147 -7.55 -26.88 8.65
C GLU A 147 -6.69 -28.08 8.38
N GLU A 148 -6.57 -28.95 9.37
CA GLU A 148 -5.72 -30.14 9.23
C GLU A 148 -6.27 -31.07 8.16
N LYS A 149 -7.59 -31.22 8.08
CA LYS A 149 -8.22 -32.06 7.04
C LYS A 149 -7.94 -31.53 5.63
N LEU A 150 -8.03 -30.21 5.44
CA LEU A 150 -7.75 -29.60 4.15
C LEU A 150 -6.28 -29.77 3.79
N ARG A 151 -5.38 -29.55 4.76
CA ARG A 151 -3.95 -29.69 4.56
C ARG A 151 -3.58 -31.09 4.12
N GLN A 152 -4.18 -32.10 4.73
CA GLN A 152 -3.92 -33.48 4.33
C GLN A 152 -4.57 -33.78 2.95
N ALA A 153 -5.69 -33.09 2.59
CA ALA A 153 -6.33 -33.33 1.30
C ALA A 153 -5.52 -32.74 0.15
N VAL A 154 -4.71 -31.69 0.39
CA VAL A 154 -3.92 -31.05 -0.67
C VAL A 154 -2.68 -31.89 -0.95
N LYS A 155 -2.74 -32.67 -2.05
CA LYS A 155 -1.71 -33.63 -2.41
C LYS A 155 -0.60 -33.04 -3.23
N GLN A 156 -0.91 -32.08 -4.10
CA GLN A 156 0.12 -31.42 -4.91
C GLN A 156 -0.16 -29.92 -5.02
N VAL A 157 0.92 -29.15 -5.16
CA VAL A 157 0.97 -27.71 -5.38
C VAL A 157 1.76 -27.58 -6.69
N LEU A 158 1.07 -27.19 -7.75
CA LEU A 158 1.66 -27.15 -9.08
C LEU A 158 1.58 -25.79 -9.74
N LYS A 159 2.51 -25.55 -10.67
CA LYS A 159 2.51 -24.41 -11.54
C LYS A 159 1.45 -24.71 -12.62
N CYS A 160 0.65 -23.74 -12.97
CA CYS A 160 -0.30 -23.86 -14.06
C CYS A 160 -0.27 -22.62 -14.95
N ASP A 161 -0.83 -22.73 -16.15
CA ASP A 161 -0.99 -21.60 -17.05
C ASP A 161 -2.20 -21.94 -17.91
N VAL A 162 -3.37 -21.37 -17.54
CA VAL A 162 -4.64 -21.56 -18.25
C VAL A 162 -4.59 -21.27 -19.71
N THR A 163 -3.68 -20.40 -20.15
CA THR A 163 -3.57 -20.05 -21.57
C THR A 163 -2.88 -21.15 -22.43
N GLN A 164 -2.28 -22.17 -21.80
CA GLN A 164 -1.61 -23.25 -22.55
C GLN A 164 -2.55 -24.43 -22.75
N SER A 165 -2.42 -25.16 -23.87
CA SER A 165 -3.26 -26.34 -24.14
C SER A 165 -3.05 -27.48 -23.13
N GLN A 166 -1.90 -27.51 -22.47
CA GLN A 166 -1.66 -28.44 -21.37
C GLN A 166 -1.39 -27.51 -20.17
N PRO A 167 -2.47 -27.08 -19.48
CA PRO A 167 -2.30 -26.10 -18.40
C PRO A 167 -1.35 -26.49 -17.29
N LEU A 168 -1.16 -27.79 -17.06
CA LEU A 168 -0.24 -28.23 -16.03
C LEU A 168 1.08 -28.81 -16.57
N GLY A 169 1.39 -28.52 -17.83
CA GLY A 169 2.61 -29.00 -18.48
C GLY A 169 2.64 -30.51 -18.65
N ALA A 170 3.78 -31.13 -18.38
CA ALA A 170 3.91 -32.59 -18.48
C ALA A 170 3.42 -33.36 -17.24
N VAL A 171 2.97 -32.64 -16.18
CA VAL A 171 2.53 -33.31 -14.96
C VAL A 171 1.40 -34.30 -15.20
N PRO A 172 1.65 -35.60 -14.91
CA PRO A 172 0.59 -36.59 -15.09
C PRO A 172 -0.39 -36.55 -13.94
N LEU A 173 -1.66 -36.61 -14.27
CA LEU A 173 -2.72 -36.66 -13.25
C LEU A 173 -3.86 -37.50 -13.82
N PRO A 174 -4.56 -38.24 -12.95
CA PRO A 174 -5.75 -38.95 -13.42
C PRO A 174 -6.83 -37.94 -13.85
N PRO A 175 -7.78 -38.33 -14.72
CA PRO A 175 -8.90 -37.42 -15.05
C PRO A 175 -9.64 -36.99 -13.77
N ALA A 176 -9.89 -35.68 -13.66
CA ALA A 176 -10.49 -35.14 -12.45
C ALA A 176 -11.99 -35.18 -12.46
N ASP A 177 -12.60 -35.25 -11.27
CA ASP A 177 -14.05 -35.19 -11.11
C ASP A 177 -14.56 -33.74 -11.07
N CYS A 178 -13.70 -32.80 -10.69
CA CYS A 178 -14.02 -31.39 -10.63
C CYS A 178 -12.81 -30.55 -10.97
N VAL A 179 -13.05 -29.44 -11.61
CA VAL A 179 -12.09 -28.39 -11.87
C VAL A 179 -12.74 -27.14 -11.32
N LEU A 180 -12.11 -26.52 -10.32
CA LEU A 180 -12.60 -25.30 -9.68
C LEU A 180 -11.70 -24.12 -10.08
N SER A 181 -12.30 -22.94 -10.30
CA SER A 181 -11.54 -21.73 -10.65
C SER A 181 -12.27 -20.50 -10.13
N THR A 182 -11.71 -19.89 -9.09
CA THR A 182 -12.35 -18.75 -8.48
C THR A 182 -11.47 -17.53 -8.58
N LEU A 183 -12.05 -16.42 -9.06
CA LEU A 183 -11.40 -15.13 -9.24
C LEU A 183 -10.08 -15.23 -10.02
N CYS A 184 -10.03 -16.08 -11.05
CA CYS A 184 -8.81 -16.27 -11.82
C CYS A 184 -8.96 -15.87 -13.29
N LEU A 185 -9.98 -16.42 -13.97
CA LEU A 185 -10.14 -16.25 -15.41
C LEU A 185 -10.27 -14.80 -15.88
N ASP A 186 -10.96 -13.90 -15.14
CA ASP A 186 -11.05 -12.50 -15.56
C ASP A 186 -9.66 -11.86 -15.56
N ALA A 187 -8.78 -12.24 -14.62
CA ALA A 187 -7.43 -11.68 -14.55
C ALA A 187 -6.44 -12.35 -15.49
N ALA A 188 -6.69 -13.60 -15.90
CA ALA A 188 -5.77 -14.34 -16.76
C ALA A 188 -6.05 -14.23 -18.24
N CYS A 189 -7.32 -14.00 -18.65
CA CYS A 189 -7.67 -14.00 -20.07
C CYS A 189 -7.85 -12.60 -20.67
N PRO A 190 -6.97 -12.22 -21.62
CA PRO A 190 -7.05 -10.87 -22.21
C PRO A 190 -8.23 -10.61 -23.13
N ASP A 191 -8.88 -11.66 -23.60
CA ASP A 191 -9.98 -11.52 -24.54
C ASP A 191 -10.91 -12.75 -24.45
N LEU A 192 -12.09 -12.66 -25.09
CA LEU A 192 -13.03 -13.76 -25.11
C LEU A 192 -12.51 -15.04 -25.81
N PRO A 193 -11.71 -14.97 -26.90
CA PRO A 193 -11.18 -16.20 -27.50
C PRO A 193 -10.22 -16.89 -26.54
N THR A 194 -9.39 -16.12 -25.80
CA THR A 194 -8.48 -16.73 -24.82
C THR A 194 -9.30 -17.37 -23.71
N TYR A 195 -10.35 -16.69 -23.25
CA TYR A 195 -11.26 -17.15 -22.20
C TYR A 195 -11.86 -18.51 -22.60
N CYS A 196 -12.36 -18.62 -23.84
CA CYS A 196 -12.97 -19.85 -24.35
C CYS A 196 -11.96 -20.96 -24.50
N ARG A 197 -10.76 -20.63 -24.98
CA ARG A 197 -9.69 -21.60 -25.12
C ARG A 197 -9.27 -22.09 -23.74
N ALA A 198 -9.20 -21.22 -22.73
CA ALA A 198 -8.86 -21.58 -21.37
C ALA A 198 -9.91 -22.55 -20.76
N LEU A 199 -11.22 -22.36 -21.05
CA LEU A 199 -12.28 -23.29 -20.57
C LEU A 199 -12.13 -24.67 -21.25
N ARG A 200 -11.68 -24.69 -22.51
CA ARG A 200 -11.40 -25.90 -23.28
C ARG A 200 -10.15 -26.61 -22.72
N ASN A 201 -9.10 -25.84 -22.39
CA ASN A 201 -7.85 -26.35 -21.83
C ASN A 201 -8.13 -27.02 -20.47
N LEU A 202 -9.03 -26.43 -19.67
CA LEU A 202 -9.45 -27.00 -18.38
C LEU A 202 -10.22 -28.28 -18.54
N GLY A 203 -11.00 -28.38 -19.62
CA GLY A 203 -11.77 -29.58 -19.95
C GLY A 203 -10.85 -30.77 -20.19
N SER A 204 -9.65 -30.52 -20.73
CA SER A 204 -8.66 -31.59 -20.94
C SER A 204 -8.22 -32.27 -19.60
N LEU A 205 -8.40 -31.59 -18.48
CA LEU A 205 -8.08 -32.17 -17.16
C LEU A 205 -9.26 -32.94 -16.53
N LEU A 206 -10.45 -32.77 -17.10
CA LEU A 206 -11.71 -33.24 -16.59
C LEU A 206 -12.21 -34.50 -17.25
N LYS A 207 -12.85 -35.37 -16.47
CA LYS A 207 -13.54 -36.58 -16.91
C LYS A 207 -14.78 -36.17 -17.73
N PRO A 208 -15.33 -37.05 -18.61
CA PRO A 208 -16.60 -36.73 -19.26
C PRO A 208 -17.70 -36.70 -18.20
N GLY A 209 -18.54 -35.68 -18.22
CA GLY A 209 -19.55 -35.49 -17.17
C GLY A 209 -18.97 -34.92 -15.88
N GLY A 210 -17.69 -34.53 -15.89
CA GLY A 210 -17.04 -33.95 -14.72
C GLY A 210 -17.55 -32.55 -14.43
N PHE A 211 -17.34 -32.06 -13.22
CA PHE A 211 -17.83 -30.73 -12.81
C PHE A 211 -16.85 -29.62 -13.08
N LEU A 212 -17.39 -28.51 -13.56
CA LEU A 212 -16.64 -27.28 -13.74
C LEU A 212 -17.29 -26.25 -12.81
N VAL A 213 -16.53 -25.72 -11.86
CA VAL A 213 -17.05 -24.73 -10.93
C VAL A 213 -16.29 -23.45 -11.12
N ILE A 214 -16.99 -22.38 -11.56
CA ILE A 214 -16.35 -21.09 -11.78
C ILE A 214 -17.02 -19.96 -11.02
N MET A 215 -16.24 -19.13 -10.34
CA MET A 215 -16.75 -17.95 -9.64
C MET A 215 -15.86 -16.79 -10.01
N ASP A 216 -16.44 -15.66 -10.42
CA ASP A 216 -15.61 -14.51 -10.83
C ASP A 216 -16.40 -13.20 -10.82
N ALA A 217 -15.74 -12.09 -11.11
CA ALA A 217 -16.39 -10.79 -11.13
C ALA A 217 -17.07 -10.51 -12.49
N LEU A 218 -18.14 -9.70 -12.48
CA LEU A 218 -18.82 -9.33 -13.73
C LEU A 218 -18.48 -7.92 -14.09
N LYS A 219 -18.27 -7.65 -15.37
CA LYS A 219 -18.05 -6.31 -15.94
C LYS A 219 -16.94 -5.50 -15.30
N SER A 220 -15.86 -6.15 -14.91
CA SER A 220 -14.72 -5.48 -14.31
C SER A 220 -13.57 -5.33 -15.33
N SER A 221 -13.11 -4.10 -15.58
CA SER A 221 -11.97 -3.90 -16.49
C SER A 221 -10.63 -3.85 -15.73
N TYR A 222 -10.66 -3.76 -14.41
CA TYR A 222 -9.48 -3.71 -13.58
C TYR A 222 -9.83 -4.05 -12.14
N TYR A 223 -8.79 -4.30 -11.32
CA TYR A 223 -8.82 -4.43 -9.89
C TYR A 223 -7.50 -3.86 -9.32
N MET A 224 -7.53 -3.43 -8.06
CA MET A 224 -6.42 -2.80 -7.38
C MET A 224 -5.88 -3.64 -6.26
N ILE A 225 -4.58 -3.52 -6.03
CA ILE A 225 -3.89 -4.04 -4.86
C ILE A 225 -3.16 -2.81 -4.35
N GLY A 226 -3.88 -2.05 -3.52
CA GLY A 226 -3.41 -0.79 -2.97
C GLY A 226 -3.48 0.22 -4.09
N GLU A 227 -2.31 0.72 -4.50
CA GLU A 227 -2.23 1.62 -5.64
C GLU A 227 -1.96 0.90 -6.97
N GLN A 228 -1.65 -0.40 -6.94
CA GLN A 228 -1.28 -1.13 -8.16
C GLN A 228 -2.53 -1.64 -8.91
N LYS A 229 -2.64 -1.30 -10.19
CA LYS A 229 -3.79 -1.67 -11.00
C LYS A 229 -3.46 -2.82 -11.93
N PHE A 230 -4.35 -3.81 -12.02
CA PHE A 230 -4.20 -4.99 -12.87
C PHE A 230 -5.41 -5.14 -13.75
N SER A 231 -5.23 -5.62 -14.99
CA SER A 231 -6.38 -5.79 -15.89
C SER A 231 -7.34 -6.89 -15.45
N SER A 232 -8.56 -6.82 -15.95
CA SER A 232 -9.60 -7.81 -15.79
C SER A 232 -10.44 -7.78 -17.07
N LEU A 233 -10.86 -8.94 -17.57
CA LEU A 233 -11.70 -9.06 -18.76
C LEU A 233 -13.11 -8.64 -18.39
N PRO A 234 -13.59 -7.50 -18.93
CA PRO A 234 -14.93 -7.01 -18.55
C PRO A 234 -16.09 -7.82 -19.16
N LEU A 235 -16.45 -8.95 -18.58
CA LEU A 235 -17.52 -9.83 -19.10
C LEU A 235 -18.85 -9.67 -18.41
N GLY A 236 -19.92 -9.66 -19.19
CA GLY A 236 -21.28 -9.75 -18.66
C GLY A 236 -21.67 -11.21 -18.50
N ARG A 237 -22.82 -11.46 -17.88
CA ARG A 237 -23.29 -12.83 -17.64
C ARG A 237 -23.64 -13.62 -18.93
N GLU A 238 -24.09 -12.94 -20.02
CA GLU A 238 -24.44 -13.61 -21.28
C GLU A 238 -23.21 -14.13 -22.00
N ALA A 239 -22.12 -13.34 -21.95
CA ALA A 239 -20.86 -13.74 -22.58
C ALA A 239 -20.22 -14.92 -21.86
N VAL A 240 -20.41 -15.02 -20.53
CA VAL A 240 -19.87 -16.11 -19.72
C VAL A 240 -20.62 -17.41 -20.06
N GLU A 241 -21.94 -17.34 -20.18
CA GLU A 241 -22.75 -18.51 -20.51
C GLU A 241 -22.44 -19.00 -21.92
N ALA A 242 -22.41 -18.09 -22.90
CA ALA A 242 -22.07 -18.43 -24.29
C ALA A 242 -20.69 -19.09 -24.37
N ALA A 243 -19.68 -18.56 -23.67
CA ALA A 243 -18.33 -19.13 -23.67
C ALA A 243 -18.28 -20.51 -22.98
N VAL A 244 -19.05 -20.69 -21.90
CA VAL A 244 -19.05 -21.98 -21.20
C VAL A 244 -19.70 -23.05 -22.07
N LYS A 245 -20.83 -22.69 -22.72
CA LYS A 245 -21.52 -23.60 -23.62
C LYS A 245 -20.66 -23.94 -24.85
N GLU A 246 -20.00 -22.93 -25.45
CA GLU A 246 -19.12 -23.16 -26.61
C GLU A 246 -17.92 -24.02 -26.29
N ALA A 247 -17.39 -23.94 -25.06
CA ALA A 247 -16.21 -24.72 -24.67
C ALA A 247 -16.47 -26.21 -24.43
N GLY A 248 -17.73 -26.64 -24.46
CA GLY A 248 -18.07 -28.05 -24.30
C GLY A 248 -18.74 -28.43 -23.00
N TYR A 249 -19.56 -27.54 -22.43
CA TYR A 249 -20.20 -27.83 -21.14
C TYR A 249 -21.65 -27.53 -21.16
N THR A 250 -22.37 -28.15 -20.24
CA THR A 250 -23.79 -27.87 -20.06
C THR A 250 -23.88 -27.24 -18.67
N ILE A 251 -24.48 -26.05 -18.57
CA ILE A 251 -24.61 -25.36 -17.29
C ILE A 251 -25.74 -25.95 -16.46
N GLU A 252 -25.47 -26.40 -15.24
CA GLU A 252 -26.46 -26.93 -14.29
C GLU A 252 -27.13 -25.75 -13.53
N TRP A 253 -26.32 -24.78 -13.09
CA TRP A 253 -26.84 -23.61 -12.40
C TRP A 253 -25.91 -22.43 -12.54
N PHE A 254 -26.51 -21.26 -12.53
CA PHE A 254 -25.82 -20.02 -12.74
C PHE A 254 -26.45 -18.97 -11.85
N GLU A 255 -25.63 -18.33 -10.99
CA GLU A 255 -26.11 -17.30 -10.08
C GLU A 255 -25.32 -16.01 -10.29
N VAL A 256 -26.01 -14.87 -10.22
CA VAL A 256 -25.42 -13.54 -10.31
C VAL A 256 -25.81 -12.80 -9.01
N ILE A 257 -24.84 -12.12 -8.37
CA ILE A 257 -25.14 -11.28 -7.21
C ILE A 257 -24.75 -9.85 -7.56
N SER A 258 -25.50 -8.88 -7.04
CA SER A 258 -25.22 -7.48 -7.32
C SER A 258 -24.12 -6.89 -6.43
N GLN A 259 -23.75 -7.56 -5.35
CA GLN A 259 -22.70 -7.10 -4.45
C GLN A 259 -21.38 -6.94 -5.20
N SER A 260 -20.78 -5.74 -5.14
CA SER A 260 -19.52 -5.41 -5.78
C SER A 260 -18.44 -5.06 -4.74
N TYR A 261 -17.16 -5.05 -5.16
CA TYR A 261 -16.07 -4.66 -4.27
C TYR A 261 -16.15 -3.14 -4.10
N SER A 262 -15.45 -2.57 -3.09
CA SER A 262 -15.39 -1.10 -2.92
C SER A 262 -14.89 -0.45 -4.23
N SER A 263 -15.41 0.74 -4.55
CA SER A 263 -15.06 1.46 -5.78
C SER A 263 -13.57 1.70 -5.95
N THR A 264 -12.86 1.83 -4.82
CA THR A 264 -11.40 2.02 -4.76
C THR A 264 -10.60 0.72 -4.95
N MET A 265 -11.29 -0.43 -5.05
CA MET A 265 -10.63 -1.72 -5.25
C MET A 265 -10.95 -2.31 -6.61
N ALA A 266 -12.16 -2.07 -7.17
CA ALA A 266 -12.54 -2.59 -8.49
C ALA A 266 -13.81 -1.95 -9.04
N ASN A 267 -13.96 -1.94 -10.37
CA ASN A 267 -15.17 -1.41 -11.01
C ASN A 267 -16.12 -2.54 -11.47
N ASN A 268 -16.17 -3.65 -10.69
CA ASN A 268 -17.05 -4.75 -11.03
C ASN A 268 -18.52 -4.42 -10.77
N GLU A 269 -19.41 -5.10 -11.48
CA GLU A 269 -20.83 -4.92 -11.29
C GLU A 269 -21.36 -6.28 -10.87
N GLY A 270 -20.96 -6.67 -9.68
CA GLY A 270 -21.35 -7.97 -9.15
C GLY A 270 -20.40 -9.10 -9.44
N LEU A 271 -20.85 -10.32 -9.13
CA LEU A 271 -20.08 -11.55 -9.32
C LEU A 271 -20.99 -12.66 -9.82
N PHE A 272 -20.42 -13.68 -10.44
CA PHE A 272 -21.20 -14.84 -10.86
C PHE A 272 -20.59 -16.12 -10.28
N SER A 273 -21.42 -17.14 -10.13
CA SER A 273 -21.02 -18.49 -9.74
C SER A 273 -21.74 -19.44 -10.70
N LEU A 274 -21.06 -20.49 -11.15
CA LEU A 274 -21.70 -21.49 -11.99
C LEU A 274 -21.15 -22.87 -11.75
N VAL A 275 -21.99 -23.86 -11.94
CA VAL A 275 -21.64 -25.27 -11.89
C VAL A 275 -22.08 -25.80 -13.24
N ALA A 276 -21.14 -26.37 -13.99
CA ALA A 276 -21.37 -26.92 -15.31
C ALA A 276 -20.85 -28.39 -15.34
N ARG A 277 -21.23 -29.16 -16.37
CA ARG A 277 -20.78 -30.54 -16.54
C ARG A 277 -20.18 -30.66 -17.93
N LYS A 278 -19.04 -31.34 -18.07
CA LYS A 278 -18.39 -31.51 -19.38
C LYS A 278 -19.26 -32.45 -20.23
N LEU A 279 -19.58 -32.05 -21.47
CA LEU A 279 -20.46 -32.79 -22.36
C LEU A 279 -19.93 -34.15 -22.82
N HIS B 10 -7.46 3.20 19.80
CA HIS B 10 -7.53 4.66 19.94
C HIS B 10 -7.03 5.09 21.31
N SER B 11 -6.02 5.99 21.33
CA SER B 11 -5.45 6.45 22.60
C SER B 11 -5.61 7.95 22.87
N SER B 12 -6.26 8.69 21.95
CA SER B 12 -6.51 10.13 22.02
C SER B 12 -5.24 10.97 22.26
N GLY B 13 -4.12 10.58 21.65
CA GLY B 13 -2.88 11.34 21.76
C GLY B 13 -2.02 11.06 22.98
N LEU B 14 -2.54 10.28 23.97
CA LEU B 14 -1.80 9.85 25.17
C LEU B 14 -0.47 9.19 24.77
N VAL B 15 -0.54 8.46 23.66
CA VAL B 15 0.50 7.68 23.04
C VAL B 15 0.27 7.77 21.49
N PRO B 16 1.30 7.60 20.64
CA PRO B 16 1.07 7.72 19.18
C PRO B 16 0.08 6.71 18.59
N ARG B 17 -0.57 7.03 17.45
CA ARG B 17 -1.50 6.14 16.75
C ARG B 17 -0.86 4.83 16.42
N GLY B 18 -1.62 3.76 16.59
CA GLY B 18 -1.19 2.40 16.26
C GLY B 18 -0.11 1.85 17.15
N SER B 19 0.12 2.44 18.34
CA SER B 19 1.20 2.02 19.20
C SER B 19 0.82 1.49 20.56
N MET B 20 -0.48 1.44 20.92
CA MET B 20 -0.86 1.05 22.28
C MET B 20 -0.28 -0.30 22.73
N GLU B 21 -0.44 -1.31 21.90
CA GLU B 21 0.02 -2.64 22.19
C GLU B 21 1.54 -2.81 22.04
N SER B 22 2.14 -2.32 20.93
CA SER B 22 3.58 -2.55 20.68
C SER B 22 4.56 -1.50 21.19
N GLY B 23 4.11 -0.28 21.43
CA GLY B 23 5.01 0.80 21.86
C GLY B 23 5.51 1.66 20.71
N PHE B 24 5.18 1.27 19.46
CA PHE B 24 5.56 2.00 18.27
C PHE B 24 4.45 1.85 17.22
N THR B 25 4.12 2.93 16.50
CA THR B 25 3.13 2.95 15.42
C THR B 25 3.33 1.77 14.44
N SER B 26 2.31 0.94 14.34
CA SER B 26 2.32 -0.21 13.43
C SER B 26 2.31 0.32 11.99
N LYS B 27 3.04 -0.32 11.07
CA LYS B 27 3.11 0.18 9.69
C LYS B 27 1.73 0.29 9.00
N ASP B 28 0.73 -0.51 9.45
CA ASP B 28 -0.62 -0.44 8.86
C ASP B 28 -1.36 0.88 9.22
N THR B 29 -0.88 1.63 10.22
CA THR B 29 -1.40 2.97 10.53
C THR B 29 -1.16 3.88 9.29
N TYR B 30 -0.05 3.65 8.54
CA TYR B 30 0.26 4.40 7.32
C TYR B 30 -0.61 4.03 6.10
N LEU B 31 -1.51 3.05 6.27
CA LEU B 31 -2.48 2.66 5.28
C LEU B 31 -3.89 3.11 5.73
N SER B 32 -4.16 3.10 7.05
CA SER B 32 -5.46 3.51 7.55
C SER B 32 -5.50 4.97 8.03
N HIS B 33 -4.82 5.30 9.12
CA HIS B 33 -4.91 6.61 9.74
C HIS B 33 -3.82 7.55 9.32
N PHE B 34 -3.57 7.66 8.03
CA PHE B 34 -2.54 8.55 7.51
C PHE B 34 -3.07 9.31 6.31
N ASN B 35 -3.03 10.65 6.38
CA ASN B 35 -3.49 11.47 5.27
C ASN B 35 -2.35 12.27 4.66
N PRO B 36 -1.84 11.86 3.49
CA PRO B 36 -0.68 12.55 2.89
C PRO B 36 -0.93 14.00 2.48
N ARG B 37 -2.16 14.35 2.07
CA ARG B 37 -2.50 15.73 1.73
C ARG B 37 -2.38 16.63 3.01
N ASP B 38 -2.84 16.10 4.15
CA ASP B 38 -2.75 16.80 5.44
C ASP B 38 -1.27 16.98 5.84
N TYR B 39 -0.45 15.95 5.60
CA TYR B 39 0.99 16.01 5.85
C TYR B 39 1.66 17.07 4.96
N LEU B 40 1.41 17.04 3.63
CA LEU B 40 2.00 18.01 2.66
C LEU B 40 1.65 19.45 3.01
N GLU B 41 0.39 19.70 3.36
CA GLU B 41 -0.05 21.03 3.72
C GLU B 41 0.65 21.49 5.00
N LYS B 42 0.83 20.59 5.97
CA LYS B 42 1.45 20.93 7.24
C LYS B 42 2.98 21.17 7.19
N TYR B 43 3.72 20.39 6.37
CA TYR B 43 5.18 20.48 6.37
C TYR B 43 5.81 21.19 5.15
N TYR B 44 5.09 21.30 4.03
CA TYR B 44 5.68 21.83 2.81
C TYR B 44 4.93 22.97 2.17
N LYS B 45 4.03 23.63 2.93
CA LYS B 45 3.20 24.77 2.48
C LYS B 45 4.04 25.95 1.97
N ARG B 49 6.04 32.51 6.89
CA ARG B 49 7.07 33.05 6.00
C ARG B 49 8.47 32.50 6.29
N HIS B 50 8.89 32.48 7.56
CA HIS B 50 10.22 31.98 7.92
C HIS B 50 10.06 30.91 9.01
N SER B 51 9.17 29.95 8.77
CA SER B 51 8.87 28.91 9.74
C SER B 51 10.02 27.90 9.94
N ALA B 52 9.95 27.12 11.03
CA ALA B 52 10.92 26.09 11.34
C ALA B 52 10.93 25.03 10.23
N GLU B 53 9.73 24.64 9.74
CA GLU B 53 9.52 23.64 8.68
C GLU B 53 10.18 24.09 7.37
N SER B 54 10.11 25.38 7.06
CA SER B 54 10.69 25.93 5.84
C SER B 54 12.22 25.98 5.92
N GLN B 55 12.76 26.31 7.10
CA GLN B 55 14.21 26.35 7.35
C GLN B 55 14.78 24.94 7.22
N ILE B 56 14.06 23.95 7.75
CA ILE B 56 14.47 22.56 7.64
C ILE B 56 14.49 22.12 6.17
N LEU B 57 13.45 22.47 5.42
CA LEU B 57 13.33 22.16 4.01
C LEU B 57 14.47 22.79 3.21
N LYS B 58 14.83 24.05 3.50
CA LYS B 58 15.94 24.71 2.81
C LYS B 58 17.27 24.01 3.07
N HIS B 59 17.45 23.53 4.31
CA HIS B 59 18.67 22.79 4.66
C HIS B 59 18.76 21.45 3.94
N LEU B 60 17.69 20.66 3.89
CA LEU B 60 17.65 19.41 3.12
C LEU B 60 17.99 19.66 1.65
N LEU B 61 17.34 20.68 1.03
CA LEU B 61 17.56 21.07 -0.36
C LEU B 61 18.99 21.53 -0.63
N LYS B 62 19.59 22.29 0.30
CA LYS B 62 20.96 22.73 0.15
C LYS B 62 21.92 21.53 0.30
N ASN B 63 21.63 20.60 1.21
CA ASN B 63 22.48 19.43 1.39
C ASN B 63 22.43 18.53 0.16
N LEU B 64 21.21 18.25 -0.36
CA LEU B 64 21.02 17.44 -1.56
C LEU B 64 21.69 18.09 -2.75
N PHE B 65 21.66 19.45 -2.85
CA PHE B 65 22.34 20.17 -3.93
C PHE B 65 23.85 19.91 -3.84
N LYS B 66 24.43 20.01 -2.63
CA LYS B 66 25.85 19.78 -2.40
C LYS B 66 26.25 18.33 -2.73
N ILE B 67 25.49 17.36 -2.24
CA ILE B 67 25.74 15.93 -2.48
C ILE B 67 25.69 15.52 -3.95
N PHE B 68 24.68 15.98 -4.70
CA PHE B 68 24.50 15.55 -6.09
C PHE B 68 25.12 16.46 -7.15
N CYS B 69 25.26 17.77 -6.89
CA CYS B 69 25.81 18.67 -7.90
C CYS B 69 27.26 19.10 -7.65
N LEU B 70 27.72 19.14 -6.39
CA LEU B 70 29.10 19.59 -6.11
C LEU B 70 30.02 18.43 -5.80
N ASP B 71 29.56 17.48 -4.98
CA ASP B 71 30.31 16.28 -4.65
C ASP B 71 30.14 15.25 -5.82
N GLY B 72 30.77 14.08 -5.70
CA GLY B 72 30.73 13.08 -6.77
C GLY B 72 29.63 12.04 -6.70
N VAL B 73 28.46 12.40 -6.13
CA VAL B 73 27.38 11.42 -6.03
C VAL B 73 26.61 11.44 -7.33
N LYS B 74 26.98 10.48 -8.22
CA LYS B 74 26.51 10.33 -9.59
C LYS B 74 26.31 8.85 -9.95
N GLY B 75 25.64 8.58 -11.07
CA GLY B 75 25.48 7.22 -11.54
C GLY B 75 24.34 6.99 -12.49
N ASP B 76 24.04 5.73 -12.73
CA ASP B 76 22.96 5.32 -13.60
C ASP B 76 21.61 5.26 -12.85
N LEU B 77 21.55 4.51 -11.74
CA LEU B 77 20.29 4.34 -11.01
C LEU B 77 20.35 4.76 -9.55
N LEU B 78 19.34 5.56 -9.15
CA LEU B 78 19.13 5.98 -7.78
C LEU B 78 17.77 5.35 -7.35
N ILE B 79 17.70 4.76 -6.15
CA ILE B 79 16.44 4.25 -5.63
C ILE B 79 16.09 5.07 -4.39
N ASP B 80 14.94 5.78 -4.42
CA ASP B 80 14.50 6.53 -3.26
C ASP B 80 13.60 5.61 -2.43
N ILE B 81 14.02 5.26 -1.22
CA ILE B 81 13.31 4.37 -0.29
C ILE B 81 12.54 5.20 0.75
N GLY B 82 11.22 5.02 0.80
CA GLY B 82 10.38 5.74 1.73
C GLY B 82 10.27 7.20 1.37
N SER B 83 9.87 7.47 0.12
CA SER B 83 9.71 8.81 -0.41
C SER B 83 8.65 9.64 0.29
N GLY B 84 7.63 8.97 0.83
CA GLY B 84 6.41 9.61 1.30
C GLY B 84 5.68 10.17 0.09
N PRO B 85 4.92 11.25 0.23
CA PRO B 85 4.26 11.86 -0.94
C PRO B 85 5.09 13.02 -1.54
N THR B 86 6.40 13.07 -1.24
CA THR B 86 7.23 14.19 -1.65
C THR B 86 8.18 13.89 -2.79
N ILE B 87 8.55 14.94 -3.54
CA ILE B 87 9.51 14.83 -4.62
C ILE B 87 10.65 15.86 -4.50
N TYR B 88 10.63 16.76 -3.46
CA TYR B 88 11.67 17.78 -3.26
C TYR B 88 13.09 17.14 -3.20
N GLN B 89 13.17 15.91 -2.69
CA GLN B 89 14.41 15.20 -2.45
C GLN B 89 15.02 14.55 -3.69
N LEU B 90 14.39 14.72 -4.86
CA LEU B 90 14.89 14.19 -6.13
C LEU B 90 15.26 15.29 -7.13
N LEU B 91 14.99 16.57 -6.81
CA LEU B 91 15.21 17.68 -7.73
C LEU B 91 16.66 17.81 -8.15
N SER B 92 17.60 17.74 -7.20
CA SER B 92 19.02 17.83 -7.57
C SER B 92 19.54 16.49 -8.07
N ALA B 93 19.04 15.36 -7.50
CA ALA B 93 19.40 14.00 -7.92
C ALA B 93 19.23 13.74 -9.41
N CYS B 94 18.18 14.31 -10.05
CA CYS B 94 17.93 14.15 -11.49
C CYS B 94 19.00 14.82 -12.37
N GLU B 95 19.90 15.62 -11.79
CA GLU B 95 21.00 16.24 -12.53
C GLU B 95 22.21 15.30 -12.65
N SER B 96 22.31 14.30 -11.74
CA SER B 96 23.44 13.38 -11.65
C SER B 96 23.10 11.90 -11.87
N PHE B 97 21.80 11.57 -11.96
CA PHE B 97 21.37 10.19 -12.16
C PHE B 97 20.48 10.04 -13.38
N LYS B 98 20.72 9.00 -14.18
CA LYS B 98 19.96 8.77 -15.40
C LYS B 98 18.56 8.29 -15.11
N GLU B 99 18.42 7.44 -14.11
CA GLU B 99 17.14 6.84 -13.76
C GLU B 99 16.88 6.91 -12.28
N ILE B 100 15.64 7.22 -11.92
CA ILE B 100 15.24 7.29 -10.52
C ILE B 100 14.05 6.36 -10.31
N VAL B 101 14.09 5.52 -9.27
CA VAL B 101 12.96 4.69 -8.92
C VAL B 101 12.46 5.19 -7.56
N VAL B 102 11.19 5.64 -7.49
CA VAL B 102 10.66 6.17 -6.24
C VAL B 102 9.77 5.14 -5.55
N THR B 103 9.97 4.94 -4.25
CA THR B 103 9.24 3.90 -3.53
C THR B 103 8.66 4.40 -2.23
N ASP B 104 7.58 3.76 -1.76
CA ASP B 104 6.96 4.06 -0.47
C ASP B 104 6.10 2.88 0.03
N TYR B 105 5.93 2.78 1.36
CA TYR B 105 5.06 1.74 1.92
C TYR B 105 3.59 2.16 1.81
N SER B 106 3.30 3.45 2.00
CA SER B 106 1.91 3.91 1.97
C SER B 106 1.31 4.00 0.59
N ASP B 107 0.22 3.27 0.37
CA ASP B 107 -0.50 3.31 -0.91
C ASP B 107 -1.02 4.72 -1.20
N GLN B 108 -1.44 5.49 -0.17
CA GLN B 108 -1.94 6.85 -0.43
C GLN B 108 -0.79 7.82 -0.74
N ASN B 109 0.46 7.49 -0.34
CA ASN B 109 1.65 8.29 -0.67
C ASN B 109 1.98 8.04 -2.13
N LEU B 110 1.94 6.77 -2.56
CA LEU B 110 2.14 6.35 -3.94
C LEU B 110 1.10 7.04 -4.87
N GLN B 111 -0.15 7.14 -4.43
CA GLN B 111 -1.19 7.81 -5.23
C GLN B 111 -0.86 9.29 -5.43
N GLU B 112 -0.34 9.95 -4.39
CA GLU B 112 0.07 11.33 -4.46
C GLU B 112 1.24 11.46 -5.48
N LEU B 113 2.22 10.53 -5.43
CA LEU B 113 3.34 10.54 -6.37
C LEU B 113 2.85 10.38 -7.81
N GLU B 114 1.94 9.40 -8.08
CA GLU B 114 1.45 9.19 -9.43
C GLU B 114 0.71 10.41 -9.99
N LYS B 115 -0.02 11.16 -9.13
CA LYS B 115 -0.73 12.37 -9.57
C LYS B 115 0.28 13.44 -10.01
N TRP B 116 1.36 13.63 -9.23
CA TRP B 116 2.38 14.62 -9.55
C TRP B 116 3.14 14.22 -10.83
N LEU B 117 3.41 12.93 -11.00
CA LEU B 117 4.15 12.41 -12.14
C LEU B 117 3.36 12.58 -13.45
N LYS B 118 2.02 12.48 -13.38
CA LYS B 118 1.10 12.72 -14.52
C LYS B 118 0.80 14.22 -14.72
N ALA B 119 1.24 15.10 -13.80
CA ALA B 119 0.94 16.54 -13.73
C ALA B 119 -0.58 16.78 -13.68
N ALA B 120 -1.27 15.92 -12.91
CA ALA B 120 -2.72 16.02 -12.72
C ALA B 120 -2.99 17.32 -11.95
N PRO B 121 -4.03 18.07 -12.35
CA PRO B 121 -4.32 19.34 -11.64
C PRO B 121 -4.58 19.18 -10.13
N ALA B 122 -4.98 17.99 -9.69
CA ALA B 122 -5.25 17.76 -8.26
C ALA B 122 -3.99 17.42 -7.45
N ALA B 123 -2.82 17.30 -8.08
CA ALA B 123 -1.59 16.97 -7.37
C ALA B 123 -1.08 18.15 -6.52
N PHE B 124 -0.17 17.87 -5.56
CA PHE B 124 0.43 18.93 -4.76
C PHE B 124 1.30 19.80 -5.67
N ASP B 125 1.26 21.11 -5.48
CA ASP B 125 2.05 22.04 -6.29
C ASP B 125 3.45 22.25 -5.67
N TRP B 126 4.51 21.75 -6.32
CA TRP B 126 5.88 21.89 -5.85
C TRP B 126 6.63 23.07 -6.47
N SER B 127 5.99 23.85 -7.39
CA SER B 127 6.56 25.03 -8.07
C SER B 127 7.42 25.95 -7.19
N PRO B 128 7.00 26.38 -5.99
CA PRO B 128 7.90 27.23 -5.16
C PRO B 128 9.23 26.52 -4.83
N VAL B 129 9.18 25.23 -4.44
CA VAL B 129 10.35 24.44 -4.12
C VAL B 129 11.18 24.18 -5.37
N VAL B 130 10.54 23.95 -6.52
CA VAL B 130 11.26 23.72 -7.77
C VAL B 130 12.05 24.99 -8.15
N THR B 131 11.43 26.18 -8.06
CA THR B 131 12.10 27.45 -8.34
C THR B 131 13.31 27.67 -7.44
N TYR B 132 13.17 27.32 -6.15
CA TYR B 132 14.24 27.44 -5.15
C TYR B 132 15.43 26.55 -5.53
N VAL B 133 15.17 25.35 -6.05
CA VAL B 133 16.25 24.44 -6.46
C VAL B 133 16.94 24.97 -7.71
N CYS B 134 16.18 25.58 -8.62
CA CYS B 134 16.73 26.21 -9.82
C CYS B 134 17.66 27.36 -9.44
N ASP B 135 17.29 28.18 -8.43
CA ASP B 135 18.17 29.26 -7.99
C ASP B 135 19.49 28.72 -7.43
N LEU B 136 19.42 27.63 -6.62
CA LEU B 136 20.61 26.97 -6.07
C LEU B 136 21.54 26.50 -7.16
N GLU B 137 20.98 26.02 -8.27
CA GLU B 137 21.78 25.45 -9.35
C GLU B 137 22.27 26.52 -10.38
N GLY B 138 22.14 27.79 -10.07
CA GLY B 138 22.62 28.88 -10.91
C GLY B 138 21.64 29.42 -11.94
N ASN B 139 20.37 29.05 -11.84
CA ASN B 139 19.36 29.52 -12.80
C ASN B 139 19.69 29.15 -14.25
N ARG B 140 20.28 27.96 -14.46
CA ARG B 140 20.62 27.43 -15.80
C ARG B 140 19.35 27.11 -16.61
N VAL B 141 18.25 26.76 -15.91
CA VAL B 141 16.92 26.47 -16.43
C VAL B 141 15.89 27.08 -15.45
N LYS B 142 14.62 27.13 -15.84
CA LYS B 142 13.55 27.61 -14.94
C LYS B 142 12.76 26.41 -14.38
N GLY B 143 11.87 26.66 -13.44
CA GLY B 143 11.04 25.63 -12.83
C GLY B 143 10.40 24.60 -13.75
N PRO B 144 9.57 25.03 -14.73
CA PRO B 144 8.91 24.04 -15.63
C PRO B 144 9.87 23.03 -16.27
N GLU B 145 11.00 23.49 -16.81
CA GLU B 145 11.99 22.63 -17.42
C GLU B 145 12.63 21.69 -16.41
N LYS B 146 12.83 22.18 -15.17
CA LYS B 146 13.37 21.36 -14.10
C LYS B 146 12.43 20.19 -13.78
N GLU B 147 11.12 20.50 -13.65
CA GLU B 147 10.09 19.54 -13.30
C GLU B 147 9.86 18.47 -14.32
N GLU B 148 9.91 18.85 -15.59
CA GLU B 148 9.78 17.89 -16.68
C GLU B 148 10.97 16.94 -16.70
N LYS B 149 12.16 17.45 -16.40
CA LYS B 149 13.37 16.64 -16.36
C LYS B 149 13.26 15.58 -15.25
N LEU B 150 12.80 15.95 -14.04
CA LEU B 150 12.63 15.00 -12.96
C LEU B 150 11.56 13.99 -13.31
N ARG B 151 10.42 14.45 -13.85
CA ARG B 151 9.35 13.54 -14.26
C ARG B 151 9.81 12.48 -15.24
N GLN B 152 10.65 12.85 -16.21
CA GLN B 152 11.19 11.90 -17.16
C GLN B 152 12.24 10.97 -16.56
N ALA B 153 12.94 11.44 -15.50
CA ALA B 153 13.92 10.60 -14.83
C ALA B 153 13.25 9.54 -13.93
N VAL B 154 12.05 9.80 -13.40
CA VAL B 154 11.31 8.86 -12.55
C VAL B 154 10.76 7.75 -13.44
N LYS B 155 11.38 6.57 -13.39
CA LYS B 155 11.09 5.43 -14.26
C LYS B 155 10.10 4.44 -13.68
N GLN B 156 10.14 4.22 -12.36
CA GLN B 156 9.19 3.34 -11.70
C GLN B 156 8.74 3.95 -10.39
N VAL B 157 7.49 3.69 -10.01
CA VAL B 157 6.93 4.11 -8.74
C VAL B 157 6.54 2.79 -8.11
N LEU B 158 7.22 2.42 -7.02
CA LEU B 158 7.05 1.12 -6.42
C LEU B 158 6.64 1.12 -4.98
N LYS B 159 6.09 0.00 -4.55
CA LYS B 159 5.73 -0.27 -3.17
C LYS B 159 7.00 -0.80 -2.51
N CYS B 160 7.32 -0.31 -1.32
CA CYS B 160 8.48 -0.81 -0.59
C CYS B 160 8.15 -1.14 0.88
N ASP B 161 9.00 -1.91 1.52
CA ASP B 161 8.88 -2.20 2.93
C ASP B 161 10.28 -2.48 3.47
N VAL B 162 10.92 -1.43 4.02
CA VAL B 162 12.29 -1.41 4.58
C VAL B 162 12.54 -2.51 5.58
N THR B 163 11.49 -2.97 6.27
CA THR B 163 11.60 -4.02 7.27
C THR B 163 11.67 -5.42 6.69
N GLN B 164 11.55 -5.59 5.35
CA GLN B 164 11.62 -6.91 4.70
C GLN B 164 12.96 -7.10 4.03
N SER B 165 13.50 -8.34 4.07
CA SER B 165 14.81 -8.66 3.45
C SER B 165 14.86 -8.38 1.95
N GLN B 166 13.71 -8.41 1.28
CA GLN B 166 13.61 -7.99 -0.12
C GLN B 166 12.70 -6.76 -0.04
N PRO B 167 13.27 -5.56 0.16
CA PRO B 167 12.42 -4.36 0.35
C PRO B 167 11.46 -4.06 -0.79
N LEU B 168 11.86 -4.37 -2.01
CA LEU B 168 11.00 -4.12 -3.17
C LEU B 168 10.24 -5.37 -3.66
N GLY B 169 10.16 -6.40 -2.84
CA GLY B 169 9.46 -7.62 -3.21
C GLY B 169 10.13 -8.38 -4.34
N ALA B 170 9.34 -8.88 -5.28
CA ALA B 170 9.88 -9.64 -6.42
C ALA B 170 10.31 -8.75 -7.60
N VAL B 171 10.30 -7.42 -7.44
CA VAL B 171 10.64 -6.49 -8.50
C VAL B 171 12.11 -6.54 -8.89
N PRO B 172 12.39 -6.93 -10.14
CA PRO B 172 13.79 -6.98 -10.58
C PRO B 172 14.30 -5.61 -11.00
N LEU B 173 15.40 -5.23 -10.43
CA LEU B 173 16.07 -3.97 -10.76
C LEU B 173 17.55 -4.24 -10.85
N PRO B 174 18.28 -3.46 -11.66
CA PRO B 174 19.75 -3.59 -11.68
C PRO B 174 20.34 -3.05 -10.37
N PRO B 175 21.57 -3.48 -10.01
CA PRO B 175 22.24 -2.91 -8.83
C PRO B 175 22.30 -1.37 -8.93
N ALA B 176 21.89 -0.69 -7.87
CA ALA B 176 21.81 0.75 -7.87
C ALA B 176 23.11 1.42 -7.50
N ASP B 177 23.34 2.59 -8.07
CA ASP B 177 24.53 3.37 -7.74
C ASP B 177 24.31 4.18 -6.47
N CYS B 178 23.05 4.53 -6.14
CA CYS B 178 22.71 5.25 -4.94
C CYS B 178 21.36 4.82 -4.38
N VAL B 179 21.28 4.77 -3.04
CA VAL B 179 20.02 4.52 -2.33
C VAL B 179 19.81 5.74 -1.46
N LEU B 180 18.74 6.48 -1.71
CA LEU B 180 18.42 7.69 -0.97
C LEU B 180 17.26 7.42 -0.01
N SER B 181 17.33 7.93 1.21
CA SER B 181 16.23 7.79 2.19
C SER B 181 16.17 9.01 3.09
N THR B 182 15.21 9.89 2.85
CA THR B 182 15.03 11.10 3.63
C THR B 182 13.73 11.04 4.44
N LEU B 183 13.85 11.34 5.74
CA LEU B 183 12.75 11.39 6.70
C LEU B 183 11.87 10.11 6.73
N CYS B 184 12.47 8.92 6.48
CA CYS B 184 11.70 7.67 6.47
C CYS B 184 12.05 6.71 7.62
N LEU B 185 13.33 6.32 7.74
CA LEU B 185 13.78 5.30 8.67
C LEU B 185 13.42 5.53 10.15
N ASP B 186 13.40 6.80 10.65
CA ASP B 186 12.99 7.03 12.04
C ASP B 186 11.52 6.64 12.24
N ALA B 187 10.67 6.92 11.22
CA ALA B 187 9.23 6.64 11.29
C ALA B 187 8.89 5.16 10.98
N ALA B 188 9.74 4.48 10.19
CA ALA B 188 9.52 3.09 9.84
C ALA B 188 10.11 2.05 10.78
N CYS B 189 11.18 2.39 11.55
CA CYS B 189 11.87 1.36 12.36
C CYS B 189 11.58 1.48 13.85
N PRO B 190 10.90 0.46 14.43
CA PRO B 190 10.50 0.52 15.85
C PRO B 190 11.61 0.48 16.86
N ASP B 191 12.74 -0.08 16.47
CA ASP B 191 13.88 -0.22 17.36
C ASP B 191 15.18 -0.22 16.58
N LEU B 192 16.31 -0.15 17.30
CA LEU B 192 17.64 -0.14 16.71
C LEU B 192 18.02 -1.44 15.95
N PRO B 193 17.58 -2.67 16.36
CA PRO B 193 17.89 -3.85 15.53
C PRO B 193 17.14 -3.76 14.21
N THR B 194 15.86 -3.31 14.22
CA THR B 194 15.10 -3.13 12.98
C THR B 194 15.79 -2.06 12.11
N TYR B 195 16.29 -1.00 12.74
CA TYR B 195 16.97 0.08 12.05
C TYR B 195 18.21 -0.43 11.33
N CYS B 196 19.04 -1.23 12.01
N CYS B 196 19.02 -1.24 12.03
CA CYS B 196 20.25 -1.79 11.45
CA CYS B 196 20.25 -1.84 11.51
C CYS B 196 19.94 -2.81 10.35
C CYS B 196 19.94 -2.80 10.38
N ARG B 197 18.90 -3.63 10.56
CA ARG B 197 18.47 -4.60 9.55
C ARG B 197 17.96 -3.84 8.30
N ALA B 198 17.13 -2.79 8.47
CA ALA B 198 16.65 -2.01 7.32
C ALA B 198 17.81 -1.45 6.49
N LEU B 199 18.90 -0.99 7.15
CA LEU B 199 20.10 -0.51 6.43
C LEU B 199 20.74 -1.65 5.61
N ARG B 200 20.72 -2.89 6.14
CA ARG B 200 21.24 -4.06 5.44
C ARG B 200 20.34 -4.42 4.26
N ASN B 201 19.02 -4.29 4.42
CA ASN B 201 18.04 -4.55 3.36
C ASN B 201 18.21 -3.56 2.23
N LEU B 202 18.52 -2.30 2.55
CA LEU B 202 18.78 -1.28 1.54
C LEU B 202 20.07 -1.57 0.78
N GLY B 203 21.08 -2.09 1.46
CA GLY B 203 22.36 -2.45 0.86
C GLY B 203 22.28 -3.56 -0.16
N SER B 204 21.29 -4.45 -0.01
CA SER B 204 21.05 -5.54 -0.98
C SER B 204 20.62 -5.00 -2.36
N LEU B 205 20.17 -3.73 -2.44
CA LEU B 205 19.80 -3.09 -3.70
C LEU B 205 21.00 -2.31 -4.34
N LEU B 206 22.09 -2.11 -3.60
CA LEU B 206 23.25 -1.34 -4.00
C LEU B 206 24.36 -2.18 -4.55
N LYS B 207 25.15 -1.60 -5.46
CA LYS B 207 26.41 -2.12 -5.96
C LYS B 207 27.46 -2.05 -4.84
N PRO B 208 28.58 -2.81 -4.92
CA PRO B 208 29.68 -2.59 -3.97
C PRO B 208 30.25 -1.18 -4.24
N GLY B 209 30.42 -0.40 -3.19
CA GLY B 209 30.85 0.98 -3.33
C GLY B 209 29.72 1.93 -3.72
N GLY B 210 28.47 1.46 -3.67
CA GLY B 210 27.32 2.30 -3.99
C GLY B 210 27.06 3.32 -2.90
N PHE B 211 26.52 4.50 -3.25
CA PHE B 211 26.25 5.51 -2.24
C PHE B 211 24.98 5.26 -1.46
N LEU B 212 25.04 5.48 -0.13
CA LEU B 212 23.88 5.45 0.75
C LEU B 212 23.71 6.90 1.29
N VAL B 213 22.60 7.56 0.95
CA VAL B 213 22.37 8.93 1.40
C VAL B 213 21.19 8.97 2.36
N ILE B 214 21.45 9.31 3.63
CA ILE B 214 20.38 9.37 4.63
C ILE B 214 20.23 10.74 5.26
N MET B 215 18.99 11.26 5.34
CA MET B 215 18.72 12.50 6.06
C MET B 215 17.54 12.23 6.97
N ASP B 216 17.65 12.54 8.28
CA ASP B 216 16.56 12.25 9.19
C ASP B 216 16.63 13.08 10.48
N ALA B 217 15.63 12.99 11.34
CA ALA B 217 15.60 13.75 12.57
C ALA B 217 16.39 13.07 13.71
N LEU B 218 16.91 13.88 14.61
CA LEU B 218 17.66 13.39 15.77
C LEU B 218 16.83 13.49 17.02
N LYS B 219 16.87 12.45 17.87
CA LYS B 219 16.25 12.39 19.20
C LYS B 219 14.76 12.73 19.24
N SER B 220 14.03 12.29 18.22
CA SER B 220 12.61 12.54 18.14
C SER B 220 11.86 11.26 18.52
N SER B 221 10.96 11.31 19.51
CA SER B 221 10.13 10.14 19.86
C SER B 221 8.77 10.15 19.12
N TYR B 222 8.42 11.26 18.47
CA TYR B 222 7.17 11.38 17.75
C TYR B 222 7.20 12.56 16.81
N TYR B 223 6.24 12.60 15.91
CA TYR B 223 5.96 13.73 15.06
C TYR B 223 4.44 13.81 14.87
N MET B 224 3.94 15.00 14.59
CA MET B 224 2.53 15.27 14.41
C MET B 224 2.17 15.64 12.99
N ILE B 225 0.97 15.26 12.56
CA ILE B 225 0.33 15.74 11.35
C ILE B 225 -0.98 16.30 11.88
N GLY B 226 -0.96 17.60 12.22
CA GLY B 226 -2.05 18.29 12.88
C GLY B 226 -2.14 17.76 14.28
N GLU B 227 -3.27 17.17 14.62
CA GLU B 227 -3.49 16.57 15.92
C GLU B 227 -3.15 15.05 15.94
N GLN B 228 -2.77 14.45 14.78
CA GLN B 228 -2.48 13.03 14.73
C GLN B 228 -1.02 12.77 15.09
N LYS B 229 -0.77 11.89 16.07
CA LYS B 229 0.57 11.60 16.52
C LYS B 229 1.11 10.28 15.97
N PHE B 230 2.34 10.30 15.44
CA PHE B 230 2.99 9.13 14.90
C PHE B 230 4.34 8.97 15.59
N SER B 231 4.71 7.72 15.88
CA SER B 231 5.99 7.40 16.53
C SER B 231 7.17 7.75 15.64
N SER B 232 8.30 7.96 16.28
CA SER B 232 9.60 8.17 15.67
C SER B 232 10.64 7.49 16.59
N LEU B 233 11.70 6.89 16.01
CA LEU B 233 12.75 6.23 16.77
C LEU B 233 13.70 7.31 17.25
N PRO B 234 13.83 7.50 18.57
CA PRO B 234 14.64 8.62 19.07
C PRO B 234 16.16 8.37 19.06
N LEU B 235 16.79 8.50 17.90
CA LEU B 235 18.23 8.26 17.77
C LEU B 235 19.10 9.46 17.95
N GLY B 236 20.23 9.28 18.65
CA GLY B 236 21.27 10.29 18.72
C GLY B 236 22.29 10.05 17.60
N ARG B 237 23.17 11.03 17.34
CA ARG B 237 24.16 10.87 16.24
C ARG B 237 25.09 9.65 16.37
N GLU B 238 25.47 9.27 17.57
CA GLU B 238 26.36 8.15 17.80
C GLU B 238 25.66 6.84 17.46
N ALA B 239 24.36 6.72 17.81
CA ALA B 239 23.60 5.49 17.51
C ALA B 239 23.41 5.34 16.00
N VAL B 240 23.17 6.47 15.29
CA VAL B 240 23.04 6.45 13.84
C VAL B 240 24.36 5.96 13.21
N GLU B 241 25.47 6.53 13.63
CA GLU B 241 26.79 6.18 13.11
C GLU B 241 27.16 4.72 13.39
N ALA B 242 26.81 4.21 14.58
CA ALA B 242 27.12 2.83 14.93
C ALA B 242 26.30 1.89 14.07
N ALA B 243 24.99 2.18 13.86
CA ALA B 243 24.13 1.36 13.04
C ALA B 243 24.57 1.34 11.56
N VAL B 244 24.99 2.51 11.01
CA VAL B 244 25.41 2.57 9.61
C VAL B 244 26.68 1.73 9.43
N LYS B 245 27.63 1.84 10.37
CA LYS B 245 28.87 1.06 10.29
C LYS B 245 28.63 -0.44 10.49
N GLU B 246 27.73 -0.83 11.41
CA GLU B 246 27.41 -2.25 11.63
C GLU B 246 26.68 -2.87 10.44
N ALA B 247 25.90 -2.06 9.69
CA ALA B 247 25.16 -2.52 8.50
C ALA B 247 26.06 -2.80 7.28
N GLY B 248 27.33 -2.40 7.32
CA GLY B 248 28.25 -2.68 6.24
C GLY B 248 28.63 -1.49 5.38
N TYR B 249 28.74 -0.30 5.98
CA TYR B 249 29.08 0.89 5.22
C TYR B 249 30.22 1.63 5.86
N THR B 250 30.91 2.45 5.06
CA THR B 250 31.93 3.36 5.54
C THR B 250 31.37 4.76 5.32
N ILE B 251 31.30 5.57 6.36
CA ILE B 251 30.76 6.93 6.27
C ILE B 251 31.78 7.91 5.71
N GLU B 252 31.46 8.62 4.62
CA GLU B 252 32.38 9.62 4.03
C GLU B 252 32.19 11.02 4.64
N TRP B 253 30.96 11.31 5.10
CA TRP B 253 30.58 12.63 5.54
C TRP B 253 29.33 12.53 6.42
N PHE B 254 29.33 13.22 7.55
CA PHE B 254 28.23 13.19 8.49
C PHE B 254 28.06 14.59 9.01
N GLU B 255 26.89 15.15 8.85
CA GLU B 255 26.59 16.50 9.29
C GLU B 255 25.38 16.49 10.25
N VAL B 256 25.43 17.32 11.30
CA VAL B 256 24.36 17.51 12.27
C VAL B 256 24.00 19.01 12.29
N ILE B 257 22.71 19.34 12.27
CA ILE B 257 22.26 20.71 12.40
C ILE B 257 21.38 20.79 13.64
N SER B 258 21.41 21.93 14.36
CA SER B 258 20.64 22.05 15.59
C SER B 258 19.17 22.47 15.38
N GLN B 259 18.86 23.02 14.22
CA GLN B 259 17.51 23.45 13.83
C GLN B 259 16.50 22.30 13.98
N SER B 260 15.39 22.54 14.66
CA SER B 260 14.35 21.52 14.88
C SER B 260 12.98 21.96 14.36
N TYR B 261 12.04 21.01 14.18
CA TYR B 261 10.69 21.38 13.75
C TYR B 261 10.02 22.16 14.90
N SER B 262 8.89 22.86 14.63
CA SER B 262 8.17 23.57 15.69
C SER B 262 7.79 22.58 16.81
N SER B 263 7.79 23.04 18.06
CA SER B 263 7.48 22.21 19.22
C SER B 263 6.11 21.54 19.11
N THR B 264 5.19 22.12 18.34
CA THR B 264 3.87 21.54 18.13
C THR B 264 3.81 20.52 16.99
N MET B 265 4.95 20.24 16.35
CA MET B 265 5.02 19.30 15.26
C MET B 265 5.96 18.13 15.56
N ALA B 266 7.02 18.32 16.37
CA ALA B 266 7.93 17.23 16.75
C ALA B 266 8.83 17.61 17.93
N ASN B 267 9.30 16.60 18.68
CA ASN B 267 10.22 16.82 19.80
C ASN B 267 11.68 16.49 19.36
N ASN B 268 12.02 16.75 18.10
CA ASN B 268 13.37 16.47 17.62
C ASN B 268 14.38 17.47 18.12
N GLU B 269 15.62 17.03 18.24
CA GLU B 269 16.74 17.84 18.64
C GLU B 269 17.65 17.93 17.43
N GLY B 270 17.14 18.54 16.39
CA GLY B 270 17.91 18.72 15.17
C GLY B 270 17.75 17.61 14.16
N LEU B 271 18.60 17.65 13.13
CA LEU B 271 18.57 16.67 12.06
C LEU B 271 19.99 16.27 11.68
N PHE B 272 20.13 15.12 11.03
CA PHE B 272 21.42 14.68 10.53
C PHE B 272 21.32 14.39 9.03
N SER B 273 22.47 14.44 8.36
CA SER B 273 22.66 14.06 6.97
C SER B 273 23.95 13.26 6.91
N LEU B 274 23.95 12.16 6.17
CA LEU B 274 25.15 11.39 5.96
C LEU B 274 25.24 10.85 4.55
N VAL B 275 26.47 10.65 4.10
CA VAL B 275 26.75 10.00 2.83
C VAL B 275 27.73 8.87 3.18
N ALA B 276 27.35 7.65 2.86
CA ALA B 276 28.13 6.45 3.16
C ALA B 276 28.36 5.62 1.86
N ARG B 277 29.29 4.65 1.91
CA ARG B 277 29.60 3.82 0.75
C ARG B 277 29.50 2.38 1.19
N LYS B 278 28.87 1.55 0.39
CA LYS B 278 28.72 0.13 0.71
C LYS B 278 30.08 -0.56 0.71
N LEU B 279 30.45 -1.19 1.82
CA LEU B 279 31.71 -1.91 1.92
C LEU B 279 31.65 -3.17 1.07
N GLY C 23 -17.77 -4.09 21.78
CA GLY C 23 -17.47 -5.49 21.96
C GLY C 23 -16.76 -5.82 23.26
N PHE C 24 -16.25 -4.80 23.97
CA PHE C 24 -15.56 -5.03 25.24
C PHE C 24 -16.61 -5.41 26.28
N THR C 25 -16.29 -6.39 27.15
CA THR C 25 -17.15 -6.92 28.23
C THR C 25 -17.64 -5.78 29.08
N SER C 26 -18.96 -5.66 29.25
CA SER C 26 -19.51 -4.61 30.06
C SER C 26 -19.34 -4.92 31.53
N LYS C 27 -19.18 -3.89 32.37
CA LYS C 27 -18.99 -4.12 33.81
C LYS C 27 -20.11 -4.90 34.45
N ASP C 28 -21.34 -4.82 33.89
CA ASP C 28 -22.51 -5.53 34.41
C ASP C 28 -22.43 -7.03 34.21
N THR C 29 -21.57 -7.53 33.31
CA THR C 29 -21.35 -8.97 33.15
C THR C 29 -20.75 -9.55 34.46
N TYR C 30 -19.95 -8.74 35.20
CA TYR C 30 -19.40 -9.17 36.49
C TYR C 30 -20.47 -9.27 37.59
N LEU C 31 -21.73 -8.93 37.29
CA LEU C 31 -22.88 -9.03 38.20
C LEU C 31 -23.82 -10.10 37.65
N SER C 32 -24.09 -10.05 36.34
CA SER C 32 -25.02 -10.90 35.62
C SER C 32 -24.55 -12.32 35.26
N HIS C 33 -23.30 -12.47 34.80
CA HIS C 33 -22.80 -13.77 34.38
C HIS C 33 -21.32 -13.94 34.80
N PHE C 34 -21.11 -14.09 36.10
CA PHE C 34 -19.79 -14.23 36.68
C PHE C 34 -19.90 -15.07 37.93
N ASN C 35 -19.12 -16.16 38.00
CA ASN C 35 -19.10 -17.04 39.17
C ASN C 35 -17.71 -16.96 39.80
N PRO C 36 -17.56 -16.23 40.92
CA PRO C 36 -16.25 -16.11 41.56
C PRO C 36 -15.61 -17.41 42.06
N ARG C 37 -16.41 -18.39 42.53
CA ARG C 37 -15.82 -19.68 42.99
C ARG C 37 -15.15 -20.44 41.84
N ASP C 38 -15.76 -20.42 40.66
N ASP C 38 -15.76 -20.42 40.66
CA ASP C 38 -15.19 -21.08 39.48
CA ASP C 38 -15.24 -21.06 39.46
C ASP C 38 -13.89 -20.41 39.05
C ASP C 38 -13.91 -20.41 39.04
N TYR C 39 -13.83 -19.07 39.15
CA TYR C 39 -12.64 -18.30 38.84
C TYR C 39 -11.52 -18.66 39.82
N LEU C 40 -11.83 -18.74 41.12
CA LEU C 40 -10.83 -19.11 42.12
C LEU C 40 -10.29 -20.52 41.87
N GLU C 41 -11.16 -21.46 41.48
CA GLU C 41 -10.77 -22.83 41.19
C GLU C 41 -9.82 -22.89 39.99
N LYS C 42 -10.11 -22.16 38.93
CA LYS C 42 -9.27 -22.15 37.73
C LYS C 42 -7.92 -21.44 37.90
N TYR C 43 -7.86 -20.33 38.64
CA TYR C 43 -6.62 -19.55 38.74
C TYR C 43 -5.84 -19.66 40.04
N TYR C 44 -6.49 -20.07 41.14
CA TYR C 44 -5.78 -20.11 42.42
C TYR C 44 -5.85 -21.43 43.14
N HIS C 50 5.74 -26.34 37.33
CA HIS C 50 4.36 -26.06 37.70
C HIS C 50 3.55 -25.45 36.54
N SER C 51 2.22 -25.33 36.72
CA SER C 51 1.35 -24.72 35.73
C SER C 51 1.64 -23.21 35.65
N ALA C 52 1.31 -22.59 34.51
CA ALA C 52 1.55 -21.17 34.31
C ALA C 52 0.83 -20.31 35.37
N GLU C 53 -0.42 -20.67 35.71
CA GLU C 53 -1.21 -19.93 36.70
C GLU C 53 -0.53 -19.94 38.06
N SER C 54 0.03 -21.07 38.46
CA SER C 54 0.75 -21.17 39.73
C SER C 54 2.01 -20.32 39.69
N GLN C 55 2.71 -20.28 38.55
CA GLN C 55 3.90 -19.44 38.42
C GLN C 55 3.57 -17.93 38.50
N ILE C 56 2.42 -17.49 37.94
CA ILE C 56 2.02 -16.09 38.03
C ILE C 56 1.72 -15.71 39.48
N LEU C 57 0.97 -16.55 40.21
CA LEU C 57 0.64 -16.29 41.60
C LEU C 57 1.92 -16.11 42.44
N LYS C 58 2.90 -17.01 42.27
CA LYS C 58 4.18 -16.86 42.97
C LYS C 58 4.89 -15.55 42.63
N HIS C 59 4.80 -15.09 41.37
CA HIS C 59 5.43 -13.83 40.97
C HIS C 59 4.71 -12.64 41.62
N LEU C 60 3.36 -12.66 41.64
CA LEU C 60 2.58 -11.61 42.27
C LEU C 60 2.91 -11.54 43.77
N LEU C 61 2.97 -12.71 44.40
CA LEU C 61 3.29 -12.82 45.81
C LEU C 61 4.69 -12.29 46.14
N LYS C 62 5.69 -12.66 45.33
CA LYS C 62 7.06 -12.19 45.54
C LYS C 62 7.19 -10.69 45.32
N ASN C 63 6.44 -10.16 44.35
CA ASN C 63 6.44 -8.73 44.03
C ASN C 63 5.80 -7.91 45.12
N LEU C 64 4.68 -8.39 45.70
CA LEU C 64 4.00 -7.68 46.78
C LEU C 64 4.83 -7.67 48.06
N PHE C 65 5.54 -8.78 48.32
CA PHE C 65 6.48 -8.90 49.44
C PHE C 65 7.60 -7.87 49.24
N LYS C 66 8.13 -7.78 48.03
CA LYS C 66 9.18 -6.82 47.69
C LYS C 66 8.67 -5.39 47.90
N ILE C 67 7.46 -5.05 47.42
CA ILE C 67 6.88 -3.72 47.56
C ILE C 67 6.59 -3.30 49.03
N PHE C 68 5.83 -4.13 49.79
CA PHE C 68 5.43 -3.74 51.14
C PHE C 68 6.43 -4.10 52.25
N CYS C 69 7.21 -5.16 52.07
CA CYS C 69 8.14 -5.59 53.12
C CYS C 69 9.60 -5.16 52.88
N LEU C 70 10.11 -5.25 51.64
CA LEU C 70 11.50 -4.86 51.35
C LEU C 70 11.59 -3.35 51.09
N ASP C 71 10.84 -2.86 50.11
CA ASP C 71 10.76 -1.45 49.79
C ASP C 71 9.91 -0.75 50.88
N GLY C 72 9.92 0.57 50.90
CA GLY C 72 9.24 1.32 51.94
C GLY C 72 7.77 1.63 51.80
N VAL C 73 6.97 0.80 51.10
CA VAL C 73 5.54 1.08 50.96
C VAL C 73 4.82 0.69 52.25
N LYS C 74 4.58 1.67 53.11
CA LYS C 74 4.00 1.50 54.44
C LYS C 74 3.14 2.74 54.78
N GLY C 75 2.29 2.63 55.80
CA GLY C 75 1.46 3.75 56.20
C GLY C 75 0.26 3.35 57.03
N ASP C 76 -0.68 4.28 57.20
CA ASP C 76 -1.87 4.02 57.98
C ASP C 76 -2.97 3.34 57.19
N LEU C 77 -3.41 3.93 56.08
CA LEU C 77 -4.53 3.37 55.33
C LEU C 77 -4.18 2.93 53.91
N LEU C 78 -4.51 1.67 53.58
CA LEU C 78 -4.39 1.15 52.24
C LEU C 78 -5.79 0.87 51.71
N ILE C 79 -6.11 1.33 50.50
CA ILE C 79 -7.38 1.00 49.87
C ILE C 79 -7.10 0.08 48.68
N ASP C 80 -7.68 -1.13 48.68
CA ASP C 80 -7.55 -2.10 47.60
C ASP C 80 -8.75 -1.93 46.66
N ILE C 81 -8.49 -1.42 45.46
CA ILE C 81 -9.53 -1.16 44.49
C ILE C 81 -9.59 -2.30 43.48
N GLY C 82 -10.76 -2.90 43.32
CA GLY C 82 -10.94 -4.00 42.38
C GLY C 82 -10.24 -5.23 42.91
N SER C 83 -10.60 -5.64 44.13
N SER C 83 -10.59 -5.64 44.14
CA SER C 83 -10.01 -6.78 44.83
CA SER C 83 -10.01 -6.78 44.83
C SER C 83 -10.32 -8.13 44.17
C SER C 83 -10.34 -8.14 44.20
N GLY C 84 -11.46 -8.21 43.50
CA GLY C 84 -11.96 -9.48 42.98
C GLY C 84 -12.45 -10.31 44.17
N PRO C 85 -12.47 -11.65 44.05
CA PRO C 85 -12.82 -12.48 45.21
C PRO C 85 -11.55 -12.98 45.93
N THR C 86 -10.40 -12.29 45.74
CA THR C 86 -9.14 -12.75 46.26
C THR C 86 -8.63 -11.96 47.44
N ILE C 87 -7.82 -12.64 48.26
CA ILE C 87 -7.19 -12.00 49.41
C ILE C 87 -5.65 -12.04 49.33
N TYR C 88 -5.09 -12.84 48.40
CA TYR C 88 -3.64 -13.02 48.21
C TYR C 88 -2.88 -11.70 48.12
N GLN C 89 -3.49 -10.67 47.52
CA GLN C 89 -2.85 -9.37 47.31
C GLN C 89 -2.74 -8.51 48.59
N LEU C 90 -3.22 -9.00 49.72
CA LEU C 90 -3.20 -8.25 50.97
C LEU C 90 -2.35 -8.89 52.07
N LEU C 91 -1.84 -10.11 51.85
CA LEU C 91 -1.07 -10.85 52.84
C LEU C 91 0.20 -10.15 53.29
N SER C 92 0.97 -9.59 52.35
CA SER C 92 2.15 -8.83 52.71
C SER C 92 1.75 -7.43 53.14
N ALA C 93 0.76 -6.81 52.45
CA ALA C 93 0.31 -5.45 52.78
C ALA C 93 -0.19 -5.32 54.23
N CYS C 94 -0.79 -6.37 54.81
CA CYS C 94 -1.26 -6.25 56.21
C CYS C 94 -0.09 -6.09 57.22
N GLU C 95 1.17 -6.37 56.81
CA GLU C 95 2.32 -6.15 57.68
C GLU C 95 2.73 -4.67 57.68
N SER C 96 2.54 -3.97 56.56
CA SER C 96 2.93 -2.58 56.43
C SER C 96 1.82 -1.59 56.67
N PHE C 97 0.55 -2.01 56.68
CA PHE C 97 -0.55 -1.07 56.86
C PHE C 97 -1.44 -1.44 58.01
N LYS C 98 -1.82 -0.44 58.80
CA LYS C 98 -2.67 -0.65 59.96
C LYS C 98 -4.07 -0.95 59.49
N GLU C 99 -4.62 -0.06 58.65
CA GLU C 99 -5.98 -0.24 58.16
C GLU C 99 -6.02 -0.48 56.68
N ILE C 100 -6.87 -1.43 56.29
CA ILE C 100 -7.10 -1.80 54.91
C ILE C 100 -8.58 -1.80 54.62
N VAL C 101 -8.95 -1.19 53.50
CA VAL C 101 -10.33 -1.18 53.03
C VAL C 101 -10.33 -2.00 51.73
N VAL C 102 -11.25 -2.99 51.63
CA VAL C 102 -11.30 -3.81 50.42
C VAL C 102 -12.53 -3.48 49.64
N THR C 103 -12.39 -3.31 48.32
CA THR C 103 -13.50 -2.91 47.49
C THR C 103 -13.59 -3.73 46.20
N ASP C 104 -14.78 -3.86 45.63
CA ASP C 104 -14.96 -4.48 44.32
C ASP C 104 -16.23 -4.02 43.63
N TYR C 105 -16.28 -4.15 42.29
CA TYR C 105 -17.49 -3.81 41.55
C TYR C 105 -18.53 -4.94 41.74
N SER C 106 -18.08 -6.19 41.74
CA SER C 106 -18.96 -7.34 41.86
C SER C 106 -19.40 -7.68 43.30
N ASP C 107 -20.71 -7.69 43.54
CA ASP C 107 -21.30 -8.07 44.83
C ASP C 107 -20.99 -9.53 45.16
N GLN C 108 -20.99 -10.44 44.16
CA GLN C 108 -20.66 -11.84 44.42
C GLN C 108 -19.16 -12.04 44.74
N ASN C 109 -18.29 -11.12 44.26
CA ASN C 109 -16.87 -11.17 44.60
C ASN C 109 -16.73 -10.75 46.07
N LEU C 110 -17.49 -9.70 46.50
CA LEU C 110 -17.48 -9.22 47.88
C LEU C 110 -18.02 -10.29 48.85
N GLN C 111 -19.04 -11.05 48.42
CA GLN C 111 -19.62 -12.13 49.22
C GLN C 111 -18.58 -13.25 49.43
N GLU C 112 -17.83 -13.58 48.37
CA GLU C 112 -16.76 -14.55 48.40
C GLU C 112 -15.61 -14.09 49.35
N LEU C 113 -15.31 -12.76 49.36
CA LEU C 113 -14.29 -12.16 50.23
C LEU C 113 -14.74 -12.26 51.69
N GLU C 114 -16.04 -11.90 51.95
CA GLU C 114 -16.66 -11.92 53.25
C GLU C 114 -16.59 -13.32 53.88
N LYS C 115 -16.85 -14.38 53.09
CA LYS C 115 -16.76 -15.76 53.57
C LYS C 115 -15.38 -16.04 54.17
N TRP C 116 -14.30 -15.61 53.47
CA TRP C 116 -12.96 -15.80 53.99
C TRP C 116 -12.69 -14.92 55.20
N LEU C 117 -13.04 -13.65 55.12
CA LEU C 117 -12.82 -12.70 56.22
C LEU C 117 -13.45 -13.16 57.55
N LYS C 118 -14.66 -13.75 57.47
CA LYS C 118 -15.42 -14.26 58.61
C LYS C 118 -15.17 -15.73 58.90
N ALA C 119 -14.18 -16.36 58.25
CA ALA C 119 -13.79 -17.76 58.41
C ALA C 119 -14.96 -18.75 58.30
N ALA C 120 -15.85 -18.52 57.32
CA ALA C 120 -16.99 -19.42 57.07
C ALA C 120 -16.47 -20.73 56.45
N PRO C 121 -17.10 -21.87 56.73
CA PRO C 121 -16.59 -23.15 56.18
C PRO C 121 -16.63 -23.25 54.65
N ALA C 122 -17.55 -22.53 54.03
CA ALA C 122 -17.67 -22.49 52.58
C ALA C 122 -16.60 -21.58 51.90
N ALA C 123 -15.71 -20.93 52.68
CA ALA C 123 -14.70 -20.01 52.14
C ALA C 123 -13.65 -20.73 51.31
N PHE C 124 -13.00 -19.99 50.39
CA PHE C 124 -11.93 -20.56 49.58
C PHE C 124 -10.74 -20.92 50.46
N ASP C 125 -10.05 -22.02 50.14
CA ASP C 125 -8.90 -22.44 50.92
C ASP C 125 -7.70 -21.72 50.37
N TRP C 126 -7.27 -20.70 51.07
CA TRP C 126 -6.09 -19.92 50.72
C TRP C 126 -4.83 -20.40 51.46
N SER C 127 -4.92 -21.48 52.29
CA SER C 127 -3.80 -22.03 53.10
C SER C 127 -2.47 -22.20 52.37
N PRO C 128 -2.36 -22.86 51.19
CA PRO C 128 -1.03 -22.98 50.55
C PRO C 128 -0.46 -21.62 50.09
N VAL C 129 -1.31 -20.61 49.88
CA VAL C 129 -0.88 -19.27 49.51
C VAL C 129 -0.41 -18.55 50.78
N VAL C 130 -1.18 -18.67 51.89
CA VAL C 130 -0.80 -18.06 53.18
C VAL C 130 0.54 -18.63 53.66
N THR C 131 0.73 -19.96 53.51
CA THR C 131 1.97 -20.63 53.90
C THR C 131 3.16 -20.10 53.07
N TYR C 132 2.96 -19.94 51.75
CA TYR C 132 3.98 -19.47 50.84
C TYR C 132 4.42 -18.04 51.20
N VAL C 133 3.48 -17.15 51.55
CA VAL C 133 3.81 -15.79 51.96
C VAL C 133 4.56 -15.80 53.31
N CYS C 134 4.17 -16.72 54.22
CA CYS C 134 4.84 -16.86 55.51
C CYS C 134 6.30 -17.29 55.29
N ASP C 135 6.54 -18.21 54.34
CA ASP C 135 7.88 -18.66 53.99
C ASP C 135 8.73 -17.47 53.48
N LEU C 136 8.18 -16.67 52.54
CA LEU C 136 8.83 -15.48 51.98
C LEU C 136 9.21 -14.51 53.08
N GLU C 137 8.36 -14.39 54.11
CA GLU C 137 8.63 -13.47 55.21
C GLU C 137 9.59 -14.05 56.28
N GLY C 138 10.31 -15.11 55.92
CA GLY C 138 11.29 -15.74 56.79
C GLY C 138 10.73 -16.63 57.87
N ASN C 139 9.44 -17.01 57.75
CA ASN C 139 8.73 -17.86 58.69
C ASN C 139 8.67 -17.29 60.10
N ARG C 140 8.60 -15.95 60.23
CA ARG C 140 8.47 -15.29 61.53
C ARG C 140 7.12 -15.64 62.21
N VAL C 141 6.08 -15.96 61.41
CA VAL C 141 4.76 -16.38 61.89
C VAL C 141 4.29 -17.65 61.15
N LYS C 142 3.29 -18.35 61.69
CA LYS C 142 2.71 -19.51 61.02
C LYS C 142 1.39 -19.10 60.30
N GLY C 143 0.78 -20.03 59.57
CA GLY C 143 -0.45 -19.80 58.82
C GLY C 143 -1.56 -19.04 59.54
N PRO C 144 -2.10 -19.58 60.65
CA PRO C 144 -3.20 -18.89 61.35
C PRO C 144 -2.87 -17.52 61.92
N GLU C 145 -1.61 -17.27 62.30
CA GLU C 145 -1.22 -15.95 62.82
C GLU C 145 -1.29 -14.89 61.71
N LYS C 146 -0.90 -15.25 60.47
CA LYS C 146 -0.95 -14.35 59.33
C LYS C 146 -2.41 -14.09 58.93
N GLU C 147 -3.25 -15.13 58.96
CA GLU C 147 -4.67 -14.99 58.63
C GLU C 147 -5.37 -14.06 59.61
N GLU C 148 -5.01 -14.10 60.88
CA GLU C 148 -5.61 -13.24 61.90
C GLU C 148 -5.16 -11.81 61.75
N LYS C 149 -3.89 -11.59 61.39
CA LYS C 149 -3.39 -10.22 61.17
C LYS C 149 -4.04 -9.55 59.96
N LEU C 150 -4.46 -10.32 58.96
CA LEU C 150 -5.16 -9.76 57.80
C LEU C 150 -6.61 -9.48 58.21
N ARG C 151 -7.25 -10.45 58.90
CA ARG C 151 -8.62 -10.30 59.37
C ARG C 151 -8.81 -9.08 60.29
N GLN C 152 -7.76 -8.68 61.03
CA GLN C 152 -7.85 -7.50 61.89
C GLN C 152 -7.58 -6.19 61.14
N ALA C 153 -6.80 -6.24 60.06
CA ALA C 153 -6.46 -5.06 59.29
C ALA C 153 -7.62 -4.61 58.39
N VAL C 154 -8.43 -5.54 57.86
CA VAL C 154 -9.55 -5.17 56.99
C VAL C 154 -10.69 -4.56 57.81
N LYS C 155 -10.88 -3.23 57.70
CA LYS C 155 -11.90 -2.55 58.51
C LYS C 155 -13.22 -2.36 57.78
N GLN C 156 -13.21 -2.30 56.43
CA GLN C 156 -14.43 -2.13 55.65
C GLN C 156 -14.36 -2.95 54.36
N VAL C 157 -15.53 -3.45 53.90
CA VAL C 157 -15.70 -4.16 52.63
C VAL C 157 -16.73 -3.32 51.87
N LEU C 158 -16.29 -2.58 50.85
CA LEU C 158 -17.15 -1.65 50.14
C LEU C 158 -17.33 -1.94 48.67
N LYS C 159 -18.45 -1.51 48.11
CA LYS C 159 -18.68 -1.58 46.69
C LYS C 159 -17.85 -0.42 46.04
N CYS C 160 -17.25 -0.65 44.88
CA CYS C 160 -16.50 0.39 44.17
C CYS C 160 -16.75 0.34 42.66
N ASP C 161 -16.33 1.40 41.96
CA ASP C 161 -16.35 1.48 40.51
C ASP C 161 -15.24 2.48 40.11
N VAL C 162 -14.07 1.96 39.65
CA VAL C 162 -12.90 2.74 39.20
C VAL C 162 -13.21 3.70 38.09
N THR C 163 -14.19 3.37 37.24
CA THR C 163 -14.55 4.24 36.12
C THR C 163 -15.28 5.54 36.58
N GLN C 164 -15.72 5.60 37.84
CA GLN C 164 -16.42 6.76 38.36
C GLN C 164 -15.50 7.75 39.05
N SER C 165 -15.78 9.06 38.92
CA SER C 165 -14.96 10.10 39.53
C SER C 165 -14.85 9.93 41.06
N GLN C 166 -15.91 9.42 41.72
CA GLN C 166 -15.88 9.11 43.15
C GLN C 166 -16.02 7.58 43.18
N PRO C 167 -14.89 6.83 43.05
CA PRO C 167 -14.98 5.36 42.98
C PRO C 167 -15.74 4.64 44.07
N LEU C 168 -15.73 5.18 45.29
CA LEU C 168 -16.44 4.55 46.40
C LEU C 168 -17.84 5.16 46.67
N GLY C 169 -18.29 6.09 45.82
CA GLY C 169 -19.58 6.74 45.97
C GLY C 169 -19.57 7.70 47.14
N ALA C 170 -20.66 7.71 47.93
CA ALA C 170 -20.76 8.59 49.10
C ALA C 170 -20.23 7.95 50.40
N VAL C 171 -18.99 7.37 50.35
CA VAL C 171 -18.44 6.75 51.56
C VAL C 171 -17.29 7.57 52.12
N PRO C 172 -17.50 8.18 53.30
CA PRO C 172 -16.44 9.00 53.90
C PRO C 172 -15.22 8.20 54.37
N LEU C 173 -14.06 8.53 53.81
CA LEU C 173 -12.79 7.92 54.16
C LEU C 173 -11.75 9.01 54.20
N PRO C 174 -10.82 8.97 55.15
CA PRO C 174 -9.70 9.93 55.13
C PRO C 174 -8.78 9.65 53.91
N PRO C 175 -7.95 10.63 53.50
CA PRO C 175 -7.03 10.38 52.39
C PRO C 175 -6.09 9.20 52.69
N ALA C 176 -6.06 8.22 51.80
CA ALA C 176 -5.26 7.03 52.02
C ALA C 176 -3.74 7.23 51.79
N ASP C 177 -2.93 6.39 52.41
CA ASP C 177 -1.47 6.42 52.19
C ASP C 177 -1.08 5.60 50.94
N CYS C 178 -1.92 4.64 50.54
CA CYS C 178 -1.65 3.80 49.39
C CYS C 178 -2.95 3.29 48.73
N VAL C 179 -2.97 3.27 47.42
CA VAL C 179 -4.08 2.69 46.67
C VAL C 179 -3.47 1.56 45.88
N LEU C 180 -3.99 0.36 46.07
CA LEU C 180 -3.51 -0.86 45.42
C LEU C 180 -4.58 -1.37 44.45
N SER C 181 -4.18 -1.90 43.29
CA SER C 181 -5.14 -2.45 42.32
C SER C 181 -4.41 -3.50 41.54
N THR C 182 -4.78 -4.78 41.74
CA THR C 182 -4.11 -5.86 41.05
C THR C 182 -5.07 -6.65 40.19
N LEU C 183 -4.67 -6.86 38.92
CA LEU C 183 -5.43 -7.56 37.89
C LEU C 183 -6.83 -6.98 37.70
N CYS C 184 -6.99 -5.67 37.91
CA CYS C 184 -8.32 -5.04 37.79
C CYS C 184 -8.49 -4.18 36.53
N LEU C 185 -7.68 -3.11 36.39
CA LEU C 185 -7.73 -2.12 35.33
C LEU C 185 -7.79 -2.66 33.89
N ASP C 186 -7.01 -3.67 33.52
CA ASP C 186 -7.06 -4.28 32.18
C ASP C 186 -8.48 -4.81 31.84
N ALA C 187 -9.15 -5.43 32.83
CA ALA C 187 -10.49 -5.99 32.68
C ALA C 187 -11.62 -4.95 32.74
N ALA C 188 -11.36 -3.81 33.40
CA ALA C 188 -12.35 -2.77 33.63
C ALA C 188 -12.32 -1.61 32.63
N CYS C 189 -11.22 -1.42 31.88
CA CYS C 189 -11.05 -0.30 30.98
C CYS C 189 -11.04 -0.70 29.51
N PRO C 190 -12.07 -0.31 28.74
CA PRO C 190 -12.13 -0.72 27.33
C PRO C 190 -11.11 -0.10 26.41
N ASP C 191 -10.55 1.03 26.80
CA ASP C 191 -9.56 1.74 26.00
C ASP C 191 -8.58 2.52 26.89
N LEU C 192 -7.48 3.02 26.31
CA LEU C 192 -6.44 3.77 27.00
C LEU C 192 -6.99 5.03 27.67
N PRO C 193 -7.85 5.86 27.03
CA PRO C 193 -8.43 7.01 27.72
C PRO C 193 -9.18 6.61 29.00
N THR C 194 -9.95 5.47 28.96
CA THR C 194 -10.65 5.01 30.18
C THR C 194 -9.65 4.59 31.25
N TYR C 195 -8.55 3.97 30.84
CA TYR C 195 -7.48 3.51 31.73
C TYR C 195 -6.88 4.73 32.46
N CYS C 196 -6.60 5.79 31.69
CA CYS C 196 -6.05 7.03 32.22
C CYS C 196 -7.00 7.69 33.22
N ARG C 197 -8.30 7.80 32.88
CA ARG C 197 -9.32 8.37 33.76
C ARG C 197 -9.45 7.52 35.05
N ALA C 198 -9.34 6.19 34.95
CA ALA C 198 -9.41 5.31 36.13
C ALA C 198 -8.26 5.62 37.07
N LEU C 199 -7.05 5.89 36.52
CA LEU C 199 -5.87 6.21 37.31
C LEU C 199 -6.07 7.55 38.06
N ARG C 200 -6.72 8.56 37.40
CA ARG C 200 -7.09 9.82 38.06
C ARG C 200 -8.09 9.56 39.21
N ASN C 201 -9.13 8.76 38.96
CA ASN C 201 -10.17 8.44 39.95
C ASN C 201 -9.56 7.76 41.16
N LEU C 202 -8.57 6.87 40.96
CA LEU C 202 -7.87 6.23 42.07
C LEU C 202 -7.17 7.31 42.94
N GLY C 203 -6.52 8.26 42.27
CA GLY C 203 -5.82 9.39 42.87
C GLY C 203 -6.70 10.24 43.77
N SER C 204 -8.00 10.35 43.45
CA SER C 204 -8.91 11.11 44.30
C SER C 204 -8.99 10.53 45.75
N LEU C 205 -8.66 9.25 45.92
CA LEU C 205 -8.64 8.60 47.23
C LEU C 205 -7.29 8.69 47.95
N LEU C 206 -6.24 9.19 47.26
CA LEU C 206 -4.87 9.26 47.74
C LEU C 206 -4.47 10.62 48.24
N LYS C 207 -3.60 10.65 49.26
CA LYS C 207 -2.97 11.85 49.81
C LYS C 207 -1.95 12.30 48.76
N PRO C 208 -1.58 13.60 48.72
CA PRO C 208 -0.49 14.01 47.80
C PRO C 208 0.79 13.33 48.24
N GLY C 209 1.50 12.71 47.31
CA GLY C 209 2.69 11.93 47.64
C GLY C 209 2.40 10.50 48.04
N GLY C 210 1.11 10.11 48.06
CA GLY C 210 0.71 8.76 48.44
C GLY C 210 1.10 7.74 47.39
N PHE C 211 1.28 6.47 47.79
CA PHE C 211 1.68 5.41 46.85
C PHE C 211 0.55 4.83 46.03
N LEU C 212 0.80 4.62 44.74
CA LEU C 212 -0.13 3.94 43.84
C LEU C 212 0.59 2.65 43.47
N VAL C 213 -0.02 1.48 43.73
CA VAL C 213 0.62 0.21 43.37
C VAL C 213 -0.28 -0.51 42.38
N ILE C 214 0.17 -0.72 41.15
CA ILE C 214 -0.62 -1.39 40.11
C ILE C 214 0.11 -2.65 39.61
N MET C 215 -0.60 -3.76 39.50
CA MET C 215 -0.08 -5.00 38.94
C MET C 215 -1.14 -5.47 37.95
N ASP C 216 -0.74 -5.75 36.69
CA ASP C 216 -1.69 -6.21 35.70
C ASP C 216 -1.01 -6.94 34.54
N ALA C 217 -1.80 -7.51 33.62
CA ALA C 217 -1.24 -8.20 32.46
C ALA C 217 -0.82 -7.21 31.36
N LEU C 218 0.10 -7.66 30.50
CA LEU C 218 0.55 -6.89 29.35
C LEU C 218 0.06 -7.55 28.07
N LYS C 219 -0.41 -6.72 27.10
CA LYS C 219 -0.78 -7.14 25.76
C LYS C 219 -1.79 -8.29 25.69
N SER C 220 -2.72 -8.34 26.67
CA SER C 220 -3.73 -9.37 26.70
C SER C 220 -5.04 -8.77 26.20
N SER C 221 -5.69 -9.40 25.20
CA SER C 221 -6.99 -8.96 24.71
C SER C 221 -8.14 -9.74 25.37
N TYR C 222 -7.86 -10.88 26.03
CA TYR C 222 -8.87 -11.66 26.75
C TYR C 222 -8.24 -12.51 27.84
N TYR C 223 -9.09 -13.02 28.72
CA TYR C 223 -8.83 -14.08 29.66
C TYR C 223 -10.12 -14.98 29.70
N MET C 224 -9.97 -16.22 30.13
CA MET C 224 -11.07 -17.17 30.14
C MET C 224 -11.37 -17.67 31.52
N ILE C 225 -12.64 -17.93 31.79
CA ILE C 225 -13.06 -18.63 33.00
C ILE C 225 -13.87 -19.81 32.45
N GLY C 226 -13.16 -20.91 32.19
CA GLY C 226 -13.74 -22.09 31.57
C GLY C 226 -13.90 -21.82 30.09
N GLU C 227 -15.13 -21.83 29.61
CA GLU C 227 -15.42 -21.51 28.21
C GLU C 227 -15.92 -20.07 28.03
N GLN C 228 -16.13 -19.30 29.11
CA GLN C 228 -16.58 -17.92 29.00
C GLN C 228 -15.37 -17.03 28.76
N LYS C 229 -15.47 -16.13 27.78
CA LYS C 229 -14.38 -15.24 27.42
C LYS C 229 -14.67 -13.84 27.96
N PHE C 230 -13.70 -13.25 28.64
CA PHE C 230 -13.83 -11.90 29.16
C PHE C 230 -12.76 -11.03 28.51
N SER C 231 -13.12 -9.78 28.21
CA SER C 231 -12.22 -8.82 27.61
C SER C 231 -11.17 -8.31 28.56
N SER C 232 -10.05 -7.92 27.98
CA SER C 232 -8.92 -7.28 28.60
C SER C 232 -8.39 -6.23 27.59
N LEU C 233 -7.83 -5.13 28.09
CA LEU C 233 -7.23 -4.08 27.28
C LEU C 233 -5.80 -4.48 26.93
N PRO C 234 -5.45 -4.68 25.64
CA PRO C 234 -4.10 -5.22 25.32
C PRO C 234 -2.98 -4.19 25.29
N LEU C 235 -2.80 -3.53 26.43
CA LEU C 235 -1.83 -2.51 26.73
C LEU C 235 -0.39 -3.00 26.79
N GLY C 236 0.50 -2.29 26.13
CA GLY C 236 1.94 -2.46 26.22
C GLY C 236 2.49 -1.60 27.36
N ARG C 237 3.74 -1.85 27.78
CA ARG C 237 4.32 -1.15 28.93
C ARG C 237 4.46 0.34 28.74
N GLU C 238 4.71 0.80 27.51
CA GLU C 238 4.86 2.21 27.19
C GLU C 238 3.52 2.95 27.37
N ALA C 239 2.42 2.33 26.97
CA ALA C 239 1.07 2.90 27.13
C ALA C 239 0.69 2.99 28.64
N VAL C 240 1.15 2.00 29.44
CA VAL C 240 0.89 2.00 30.88
C VAL C 240 1.57 3.22 31.50
N GLU C 241 2.84 3.43 31.15
CA GLU C 241 3.61 4.56 31.65
C GLU C 241 3.00 5.89 31.26
N ALA C 242 2.53 6.02 30.01
CA ALA C 242 1.95 7.29 29.52
C ALA C 242 0.66 7.62 30.27
N ALA C 243 -0.17 6.61 30.52
CA ALA C 243 -1.41 6.80 31.24
C ALA C 243 -1.13 7.17 32.71
N VAL C 244 -0.11 6.53 33.33
CA VAL C 244 0.23 6.81 34.72
C VAL C 244 0.70 8.25 34.87
N LYS C 245 1.57 8.71 33.95
CA LYS C 245 2.08 10.08 33.96
C LYS C 245 0.97 11.09 33.68
N GLU C 246 0.14 10.87 32.65
CA GLU C 246 -0.97 11.79 32.34
C GLU C 246 -1.99 11.88 33.47
N ALA C 247 -2.13 10.84 34.30
CA ALA C 247 -3.06 10.88 35.43
C ALA C 247 -2.52 11.62 36.67
N GLY C 248 -1.33 12.19 36.59
CA GLY C 248 -0.74 12.95 37.67
C GLY C 248 0.11 12.19 38.66
N TYR C 249 0.93 11.26 38.18
CA TYR C 249 1.80 10.49 39.06
C TYR C 249 3.23 10.48 38.49
N THR C 250 4.20 10.15 39.34
CA THR C 250 5.57 9.97 38.93
C THR C 250 5.92 8.51 39.30
N ILE C 251 6.46 7.73 38.36
CA ILE C 251 6.79 6.33 38.60
C ILE C 251 8.14 6.21 39.30
N GLU C 252 8.18 5.48 40.41
CA GLU C 252 9.41 5.25 41.14
C GLU C 252 10.06 3.93 40.80
N TRP C 253 9.23 2.91 40.53
CA TRP C 253 9.70 1.57 40.26
C TRP C 253 8.73 0.91 39.24
N PHE C 254 9.26 0.31 38.16
CA PHE C 254 8.46 -0.33 37.14
C PHE C 254 9.14 -1.63 36.72
N GLU C 255 8.44 -2.75 36.85
CA GLU C 255 9.00 -4.05 36.53
C GLU C 255 8.14 -4.79 35.50
N VAL C 256 8.77 -5.62 34.68
CA VAL C 256 8.13 -6.43 33.66
C VAL C 256 8.62 -7.88 33.86
N ILE C 257 7.71 -8.84 33.75
CA ILE C 257 7.94 -10.27 33.93
C ILE C 257 7.46 -10.92 32.65
N SER C 258 8.25 -11.82 32.05
CA SER C 258 7.85 -12.46 30.79
C SER C 258 6.78 -13.54 30.97
N GLN C 259 6.67 -14.12 32.17
CA GLN C 259 5.70 -15.19 32.47
C GLN C 259 4.28 -14.82 32.06
N SER C 260 3.66 -15.66 31.22
CA SER C 260 2.29 -15.48 30.73
C SER C 260 1.36 -16.56 31.30
N TYR C 261 0.03 -16.35 31.19
CA TYR C 261 -0.91 -17.40 31.59
C TYR C 261 -0.82 -18.52 30.54
N SER C 262 -1.48 -19.66 30.78
CA SER C 262 -1.47 -20.76 29.81
C SER C 262 -2.19 -20.30 28.54
N SER C 263 -1.74 -20.73 27.37
CA SER C 263 -2.31 -20.37 26.07
C SER C 263 -3.83 -20.44 26.01
N THR C 264 -4.43 -21.40 26.73
CA THR C 264 -5.88 -21.58 26.75
C THR C 264 -6.61 -20.64 27.74
N MET C 265 -5.88 -19.99 28.66
CA MET C 265 -6.49 -19.13 29.68
C MET C 265 -6.45 -17.66 29.28
N ALA C 266 -5.34 -17.17 28.76
CA ALA C 266 -5.22 -15.77 28.36
C ALA C 266 -4.11 -15.64 27.31
N ASN C 267 -4.15 -14.56 26.52
CA ASN C 267 -3.13 -14.32 25.51
C ASN C 267 -2.19 -13.17 25.92
N ASN C 268 -1.92 -13.03 27.24
CA ASN C 268 -1.01 -11.98 27.70
C ASN C 268 0.42 -12.32 27.32
N GLU C 269 1.25 -11.30 27.13
CA GLU C 269 2.68 -11.47 26.86
C GLU C 269 3.35 -10.82 28.07
N GLY C 270 3.26 -11.49 29.20
CA GLY C 270 3.84 -11.02 30.45
C GLY C 270 2.94 -10.27 31.41
N LEU C 271 3.58 -9.73 32.46
CA LEU C 271 2.95 -8.97 33.51
C LEU C 271 3.78 -7.77 33.93
N PHE C 272 3.12 -6.69 34.36
CA PHE C 272 3.85 -5.55 34.93
C PHE C 272 3.46 -5.31 36.40
N SER C 273 4.34 -4.62 37.12
CA SER C 273 4.08 -4.09 38.46
C SER C 273 4.75 -2.73 38.51
N LEU C 274 4.08 -1.77 39.12
CA LEU C 274 4.65 -0.44 39.26
C LEU C 274 4.29 0.18 40.57
N VAL C 275 5.16 1.02 41.07
CA VAL C 275 4.93 1.80 42.26
C VAL C 275 5.10 3.27 41.83
N ALA C 276 4.08 4.08 42.06
CA ALA C 276 4.10 5.48 41.66
C ALA C 276 3.70 6.41 42.82
N ARG C 277 3.96 7.72 42.67
CA ARG C 277 3.65 8.71 43.66
C ARG C 277 2.73 9.77 43.11
N LYS C 278 1.65 10.06 43.82
CA LYS C 278 0.70 11.08 43.39
C LYS C 278 1.37 12.46 43.50
N LEU C 279 1.41 13.22 42.40
CA LEU C 279 2.05 14.53 42.41
C LEU C 279 1.23 15.62 43.11
N GLY D 23 18.30 5.27 -21.84
CA GLY D 23 18.11 4.28 -22.90
C GLY D 23 17.27 4.81 -24.05
N PHE D 24 16.22 5.57 -23.71
CA PHE D 24 15.36 6.16 -24.74
C PHE D 24 16.12 7.34 -25.34
N THR D 25 16.14 7.44 -26.70
CA THR D 25 16.80 8.51 -27.47
C THR D 25 16.54 9.89 -26.88
N SER D 26 17.59 10.58 -26.48
CA SER D 26 17.47 11.90 -25.89
C SER D 26 17.06 12.89 -26.96
N LYS D 27 16.26 13.91 -26.59
CA LYS D 27 15.82 14.89 -27.59
C LYS D 27 16.99 15.64 -28.25
N ASP D 28 18.16 15.71 -27.59
CA ASP D 28 19.34 16.36 -28.20
C ASP D 28 19.89 15.56 -29.38
N THR D 29 19.59 14.25 -29.47
CA THR D 29 19.99 13.42 -30.62
C THR D 29 19.36 14.01 -31.92
N TYR D 30 18.15 14.57 -31.84
CA TYR D 30 17.52 15.21 -33.01
C TYR D 30 18.18 16.51 -33.44
N LEU D 31 19.09 17.06 -32.61
CA LEU D 31 19.85 18.27 -32.91
C LEU D 31 21.28 17.93 -33.30
N SER D 32 21.90 16.97 -32.60
CA SER D 32 23.30 16.56 -32.71
C SER D 32 23.59 15.45 -33.70
N HIS D 33 22.67 14.49 -33.86
CA HIS D 33 22.92 13.34 -34.72
C HIS D 33 21.70 13.03 -35.56
N PHE D 34 21.25 14.01 -36.35
CA PHE D 34 20.04 13.84 -37.15
C PHE D 34 20.20 14.46 -38.50
N ASN D 35 19.96 13.67 -39.56
CA ASN D 35 20.02 14.18 -40.92
C ASN D 35 18.62 14.16 -41.52
N PRO D 36 17.93 15.31 -41.54
CA PRO D 36 16.56 15.36 -42.08
C PRO D 36 16.41 14.88 -43.52
N ARG D 37 17.37 15.26 -44.38
CA ARG D 37 17.34 14.85 -45.78
C ARG D 37 17.52 13.33 -45.94
N ASP D 38 18.35 12.72 -45.11
CA ASP D 38 18.52 11.27 -45.11
C ASP D 38 17.23 10.56 -44.70
N TYR D 39 16.52 11.11 -43.71
CA TYR D 39 15.23 10.57 -43.26
C TYR D 39 14.20 10.65 -44.40
N LEU D 40 14.12 11.83 -45.07
CA LEU D 40 13.18 12.04 -46.17
C LEU D 40 13.37 11.03 -47.29
N GLU D 41 14.64 10.73 -47.61
CA GLU D 41 14.99 9.77 -48.66
C GLU D 41 14.51 8.35 -48.36
N LYS D 42 14.77 7.85 -47.15
CA LYS D 42 14.34 6.50 -46.76
C LYS D 42 12.83 6.34 -46.62
N TYR D 43 12.11 7.36 -46.13
CA TYR D 43 10.67 7.21 -45.85
C TYR D 43 9.69 7.82 -46.84
N TYR D 44 10.11 8.80 -47.67
CA TYR D 44 9.14 9.48 -48.54
C TYR D 44 9.43 9.45 -50.05
N LYS D 45 10.10 8.39 -50.53
CA LYS D 45 10.32 8.22 -51.98
C LYS D 45 9.21 7.37 -52.60
N SER D 51 6.35 -0.50 -51.87
CA SER D 51 7.03 -0.62 -50.60
C SER D 51 6.07 -0.30 -49.47
N ALA D 52 6.35 -0.85 -48.28
CA ALA D 52 5.51 -0.60 -47.11
C ALA D 52 5.51 0.88 -46.72
N GLU D 53 6.64 1.59 -46.91
CA GLU D 53 6.71 3.03 -46.58
C GLU D 53 5.81 3.84 -47.48
N SER D 54 5.77 3.48 -48.76
CA SER D 54 4.92 4.17 -49.73
C SER D 54 3.43 3.90 -49.39
N GLN D 55 3.10 2.70 -48.89
CA GLN D 55 1.72 2.37 -48.51
C GLN D 55 1.26 3.16 -47.26
N ILE D 56 2.16 3.38 -46.29
CA ILE D 56 1.84 4.17 -45.10
C ILE D 56 1.57 5.63 -45.46
N LEU D 57 2.42 6.24 -46.29
CA LEU D 57 2.25 7.63 -46.72
C LEU D 57 0.87 7.83 -47.38
N LYS D 58 0.48 6.89 -48.24
CA LYS D 58 -0.82 6.90 -48.90
C LYS D 58 -1.96 6.88 -47.88
N HIS D 59 -1.89 6.02 -46.85
CA HIS D 59 -2.97 6.00 -45.84
C HIS D 59 -2.96 7.26 -44.95
N LEU D 60 -1.76 7.81 -44.63
CA LEU D 60 -1.69 9.07 -43.86
C LEU D 60 -2.40 10.19 -44.65
N LEU D 61 -2.07 10.32 -45.95
CA LEU D 61 -2.66 11.30 -46.86
C LEU D 61 -4.16 11.15 -47.00
N LYS D 62 -4.64 9.90 -47.14
CA LYS D 62 -6.08 9.64 -47.23
C LYS D 62 -6.80 9.96 -45.94
N ASN D 63 -6.17 9.71 -44.80
CA ASN D 63 -6.73 10.02 -43.49
C ASN D 63 -6.80 11.53 -43.26
N LEU D 64 -5.75 12.28 -43.64
CA LEU D 64 -5.77 13.73 -43.53
C LEU D 64 -6.81 14.35 -44.50
N PHE D 65 -6.97 13.74 -45.70
CA PHE D 65 -7.99 14.20 -46.64
C PHE D 65 -9.37 13.95 -46.02
N LYS D 66 -9.57 12.75 -45.43
CA LYS D 66 -10.82 12.41 -44.76
C LYS D 66 -11.11 13.37 -43.60
N ILE D 67 -10.12 13.65 -42.73
CA ILE D 67 -10.28 14.54 -41.57
C ILE D 67 -10.58 16.02 -41.93
N PHE D 68 -9.75 16.64 -42.80
CA PHE D 68 -9.93 18.05 -43.12
C PHE D 68 -10.90 18.34 -44.27
N CYS D 69 -11.00 17.44 -45.26
CA CYS D 69 -11.85 17.69 -46.42
C CYS D 69 -13.23 17.04 -46.36
N LEU D 70 -13.32 15.78 -45.94
CA LEU D 70 -14.59 15.07 -45.87
C LEU D 70 -15.31 15.42 -44.57
N ASP D 71 -14.60 15.33 -43.44
CA ASP D 71 -15.13 15.67 -42.12
C ASP D 71 -15.03 17.20 -41.86
N GLY D 72 -15.58 17.65 -40.74
CA GLY D 72 -15.61 19.08 -40.44
C GLY D 72 -14.45 19.72 -39.69
N VAL D 73 -13.21 19.19 -39.84
CA VAL D 73 -12.07 19.82 -39.16
C VAL D 73 -11.63 21.05 -39.95
N LYS D 74 -12.19 22.21 -39.59
CA LYS D 74 -11.94 23.50 -40.26
C LYS D 74 -11.75 24.63 -39.25
N GLY D 75 -11.21 25.75 -39.70
CA GLY D 75 -11.04 26.91 -38.82
C GLY D 75 -10.07 27.95 -39.30
N ASP D 76 -9.73 28.87 -38.40
CA ASP D 76 -8.82 29.96 -38.69
C ASP D 76 -7.36 29.59 -38.51
N LEU D 77 -6.96 29.15 -37.31
CA LEU D 77 -5.57 28.81 -37.06
C LEU D 77 -5.32 27.34 -36.76
N LEU D 78 -4.36 26.74 -37.45
CA LEU D 78 -3.92 25.37 -37.17
C LEU D 78 -2.44 25.42 -36.79
N ILE D 79 -2.07 24.73 -35.71
CA ILE D 79 -0.67 24.64 -35.32
C ILE D 79 -0.24 23.20 -35.52
N ASP D 80 0.80 22.97 -36.32
CA ASP D 80 1.35 21.65 -36.50
C ASP D 80 2.54 21.49 -35.55
N ILE D 81 2.44 20.57 -34.61
CA ILE D 81 3.48 20.34 -33.62
C ILE D 81 4.33 19.12 -33.96
N GLY D 82 5.64 19.33 -34.06
CA GLY D 82 6.54 18.24 -34.39
C GLY D 82 6.37 17.85 -35.84
N SER D 83 6.41 18.88 -36.70
CA SER D 83 6.31 18.80 -38.16
C SER D 83 7.31 17.84 -38.79
N GLY D 84 8.50 17.73 -38.19
CA GLY D 84 9.63 17.06 -38.80
C GLY D 84 10.09 17.89 -39.99
N PRO D 85 10.80 17.31 -40.97
CA PRO D 85 11.14 18.09 -42.18
C PRO D 85 10.10 17.87 -43.28
N THR D 86 8.85 17.45 -42.93
CA THR D 86 7.84 17.12 -43.92
C THR D 86 6.71 18.15 -44.08
N ILE D 87 6.05 18.12 -45.23
CA ILE D 87 4.89 18.99 -45.48
C ILE D 87 3.66 18.17 -45.90
N TYR D 88 3.78 16.84 -46.15
CA TYR D 88 2.64 16.01 -46.58
C TYR D 88 1.41 16.17 -45.68
N GLN D 89 1.66 16.29 -44.37
CA GLN D 89 0.63 16.41 -43.34
C GLN D 89 -0.12 17.75 -43.37
N LEU D 90 0.29 18.69 -44.23
CA LEU D 90 -0.36 20.00 -44.34
C LEU D 90 -1.08 20.25 -45.67
N LEU D 91 -0.92 19.33 -46.64
CA LEU D 91 -1.50 19.46 -47.97
C LEU D 91 -3.04 19.55 -47.96
N SER D 92 -3.77 18.64 -47.29
CA SER D 92 -5.23 18.75 -47.21
C SER D 92 -5.66 19.83 -46.22
N ALA D 93 -4.87 20.03 -45.15
CA ALA D 93 -5.11 21.01 -44.11
C ALA D 93 -5.16 22.44 -44.62
N CYS D 94 -4.29 22.82 -45.58
CA CYS D 94 -4.29 24.18 -46.12
C CYS D 94 -5.63 24.57 -46.82
N GLU D 95 -6.43 23.58 -47.20
CA GLU D 95 -7.75 23.81 -47.80
C GLU D 95 -8.82 24.14 -46.72
N SER D 96 -8.60 23.75 -45.47
CA SER D 96 -9.57 23.98 -44.39
C SER D 96 -9.14 25.07 -43.39
N PHE D 97 -7.86 25.45 -43.38
CA PHE D 97 -7.37 26.44 -42.42
C PHE D 97 -6.80 27.67 -43.08
N LYS D 98 -7.17 28.85 -42.57
CA LYS D 98 -6.69 30.13 -43.07
C LYS D 98 -5.20 30.29 -42.81
N GLU D 99 -4.75 30.04 -41.57
CA GLU D 99 -3.35 30.17 -41.21
C GLU D 99 -2.82 28.91 -40.62
N ILE D 100 -1.56 28.59 -40.95
CA ILE D 100 -0.89 27.41 -40.41
C ILE D 100 0.45 27.79 -39.79
N VAL D 101 0.69 27.37 -38.54
CA VAL D 101 1.99 27.59 -37.89
C VAL D 101 2.66 26.23 -37.86
N VAL D 102 3.82 26.11 -38.48
CA VAL D 102 4.55 24.86 -38.52
C VAL D 102 5.68 24.91 -37.50
N THR D 103 5.78 23.88 -36.63
CA THR D 103 6.81 23.86 -35.59
C THR D 103 7.57 22.53 -35.47
N ASP D 104 8.80 22.59 -34.98
CA ASP D 104 9.60 21.40 -34.70
C ASP D 104 10.66 21.67 -33.64
N TYR D 105 11.11 20.61 -32.96
CA TYR D 105 12.16 20.71 -31.96
C TYR D 105 13.55 20.77 -32.63
N SER D 106 13.71 20.16 -33.79
CA SER D 106 14.97 20.10 -34.51
C SER D 106 15.18 21.29 -35.45
N ASP D 107 16.23 22.08 -35.21
CA ASP D 107 16.62 23.23 -36.04
C ASP D 107 16.90 22.82 -37.49
N GLN D 108 17.54 21.66 -37.68
CA GLN D 108 17.81 21.17 -39.04
C GLN D 108 16.55 20.69 -39.77
N ASN D 109 15.51 20.28 -39.03
CA ASN D 109 14.23 19.90 -39.66
C ASN D 109 13.54 21.14 -40.20
N LEU D 110 13.61 22.25 -39.42
CA LEU D 110 13.02 23.52 -39.80
C LEU D 110 13.79 24.13 -40.98
N GLN D 111 15.13 23.89 -41.05
CA GLN D 111 15.98 24.36 -42.14
C GLN D 111 15.49 23.73 -43.45
N GLU D 112 15.35 22.40 -43.45
CA GLU D 112 14.83 21.58 -44.55
C GLU D 112 13.41 22.02 -44.98
N LEU D 113 12.54 22.25 -44.00
CA LEU D 113 11.17 22.72 -44.21
C LEU D 113 11.20 24.07 -44.91
N GLU D 114 12.07 24.99 -44.43
CA GLU D 114 12.23 26.32 -44.95
C GLU D 114 12.72 26.34 -46.37
N LYS D 115 13.55 25.37 -46.77
CA LYS D 115 14.03 25.26 -48.16
C LYS D 115 12.83 25.00 -49.06
N TRP D 116 11.89 24.11 -48.65
CA TRP D 116 10.72 23.83 -49.45
C TRP D 116 9.76 25.00 -49.45
N LEU D 117 9.50 25.63 -48.29
CA LEU D 117 8.59 26.78 -48.24
C LEU D 117 9.06 27.93 -49.12
N LYS D 118 10.38 28.15 -49.17
CA LYS D 118 10.99 29.18 -50.01
C LYS D 118 11.22 28.74 -51.47
N ALA D 119 10.87 27.48 -51.81
CA ALA D 119 11.01 26.87 -53.13
C ALA D 119 12.46 26.92 -53.63
N ALA D 120 13.39 26.58 -52.76
CA ALA D 120 14.79 26.51 -53.09
C ALA D 120 15.03 25.36 -54.06
N PRO D 121 15.91 25.54 -55.05
CA PRO D 121 16.13 24.49 -56.04
C PRO D 121 16.47 23.10 -55.50
N ALA D 122 17.29 23.00 -54.43
CA ALA D 122 17.63 21.68 -53.89
C ALA D 122 16.67 21.22 -52.77
N ALA D 123 15.46 21.77 -52.72
CA ALA D 123 14.46 21.35 -51.72
C ALA D 123 13.99 19.92 -52.04
N PHE D 124 13.38 19.23 -51.07
CA PHE D 124 12.91 17.86 -51.31
C PHE D 124 11.79 17.87 -52.35
N ASP D 125 11.81 16.91 -53.28
CA ASP D 125 10.76 16.83 -54.31
C ASP D 125 9.49 16.18 -53.77
N TRP D 126 8.53 17.00 -53.33
CA TRP D 126 7.24 16.55 -52.84
C TRP D 126 6.18 16.42 -53.97
N SER D 127 6.56 16.64 -55.25
CA SER D 127 5.66 16.56 -56.43
C SER D 127 4.75 15.32 -56.51
N PRO D 128 5.25 14.07 -56.39
CA PRO D 128 4.32 12.92 -56.48
C PRO D 128 3.35 12.84 -55.28
N VAL D 129 3.72 13.42 -54.11
CA VAL D 129 2.81 13.46 -52.96
C VAL D 129 1.74 14.50 -53.25
N VAL D 130 2.16 15.70 -53.70
CA VAL D 130 1.26 16.80 -54.04
C VAL D 130 0.28 16.43 -55.16
N THR D 131 0.75 15.64 -56.12
CA THR D 131 -0.08 15.16 -57.21
C THR D 131 -1.15 14.21 -56.64
N TYR D 132 -0.73 13.25 -55.81
CA TYR D 132 -1.61 12.31 -55.17
C TYR D 132 -2.70 13.03 -54.34
N VAL D 133 -2.33 14.07 -53.56
CA VAL D 133 -3.30 14.84 -52.79
C VAL D 133 -4.30 15.54 -53.71
N CYS D 134 -3.82 16.10 -54.84
CA CYS D 134 -4.68 16.74 -55.85
C CYS D 134 -5.68 15.73 -56.44
N ASP D 135 -5.23 14.52 -56.76
CA ASP D 135 -6.09 13.48 -57.30
C ASP D 135 -7.18 13.10 -56.30
N LEU D 136 -6.82 12.90 -55.00
CA LEU D 136 -7.77 12.58 -53.93
C LEU D 136 -8.84 13.67 -53.83
N GLU D 137 -8.43 14.93 -53.97
CA GLU D 137 -9.33 16.07 -53.84
C GLU D 137 -10.18 16.36 -55.09
N GLY D 138 -10.23 15.43 -56.03
CA GLY D 138 -11.06 15.56 -57.22
C GLY D 138 -10.41 16.24 -58.41
N ASN D 139 -9.09 16.46 -58.36
CA ASN D 139 -8.33 17.12 -59.43
C ASN D 139 -8.83 18.51 -59.76
N ARG D 140 -9.43 19.21 -58.77
CA ARG D 140 -9.91 20.56 -58.94
C ARG D 140 -8.78 21.55 -59.21
N VAL D 141 -7.60 21.31 -58.62
CA VAL D 141 -6.41 22.14 -58.85
C VAL D 141 -5.21 21.26 -59.28
N LYS D 142 -4.15 21.88 -59.83
CA LYS D 142 -2.94 21.14 -60.20
C LYS D 142 -1.81 21.38 -59.14
N GLY D 143 -0.78 20.54 -59.20
CA GLY D 143 0.39 20.57 -58.33
C GLY D 143 0.92 21.93 -57.94
N PRO D 144 1.35 22.76 -58.91
CA PRO D 144 1.87 24.09 -58.56
C PRO D 144 0.89 25.00 -57.83
N GLU D 145 -0.39 24.93 -58.15
CA GLU D 145 -1.40 25.75 -57.48
C GLU D 145 -1.59 25.29 -56.03
N LYS D 146 -1.54 23.96 -55.82
CA LYS D 146 -1.66 23.37 -54.50
C LYS D 146 -0.46 23.77 -53.65
N GLU D 147 0.76 23.69 -54.22
CA GLU D 147 1.98 24.07 -53.52
C GLU D 147 1.96 25.52 -53.08
N GLU D 148 1.44 26.40 -53.95
CA GLU D 148 1.32 27.81 -53.65
C GLU D 148 0.30 28.06 -52.55
N LYS D 149 -0.80 27.31 -52.57
CA LYS D 149 -1.86 27.40 -51.56
C LYS D 149 -1.30 27.06 -50.18
N LEU D 150 -0.47 26.03 -50.09
CA LEU D 150 0.17 25.63 -48.84
C LEU D 150 1.21 26.68 -48.39
N ARG D 151 2.11 27.11 -49.31
CA ARG D 151 3.16 28.10 -49.01
C ARG D 151 2.58 29.42 -48.52
N GLN D 152 1.43 29.81 -49.03
CA GLN D 152 0.77 31.06 -48.63
C GLN D 152 0.14 30.93 -47.25
N ALA D 153 -0.38 29.72 -46.91
CA ALA D 153 -1.04 29.44 -45.63
C ALA D 153 -0.07 29.40 -44.43
N VAL D 154 1.16 28.89 -44.62
CA VAL D 154 2.15 28.81 -43.55
C VAL D 154 2.61 30.22 -43.19
N LYS D 155 2.21 30.72 -42.02
CA LYS D 155 2.56 32.08 -41.60
C LYS D 155 3.80 32.17 -40.74
N GLN D 156 4.08 31.14 -39.93
CA GLN D 156 5.25 31.13 -39.06
C GLN D 156 5.88 29.76 -38.96
N VAL D 157 7.19 29.72 -38.80
CA VAL D 157 7.96 28.51 -38.61
C VAL D 157 8.65 28.72 -37.27
N LEU D 158 8.27 27.95 -36.24
CA LEU D 158 8.80 28.14 -34.90
C LEU D 158 9.44 26.90 -34.32
N LYS D 159 10.28 27.10 -33.32
CA LYS D 159 10.84 26.01 -32.55
C LYS D 159 9.75 25.60 -31.54
N CYS D 160 9.66 24.32 -31.21
CA CYS D 160 8.69 23.82 -30.24
C CYS D 160 9.30 22.71 -29.35
N ASP D 161 8.64 22.36 -28.26
CA ASP D 161 9.04 21.26 -27.41
C ASP D 161 7.76 20.81 -26.70
N VAL D 162 7.17 19.68 -27.15
CA VAL D 162 5.95 19.11 -26.61
C VAL D 162 6.07 18.68 -25.16
N THR D 163 7.30 18.46 -24.67
CA THR D 163 7.53 18.06 -23.28
C THR D 163 7.44 19.28 -22.33
N GLN D 164 7.39 20.52 -22.85
CA GLN D 164 7.32 21.71 -22.02
C GLN D 164 5.89 22.21 -21.84
N SER D 165 5.53 22.69 -20.63
CA SER D 165 4.17 23.20 -20.39
C SER D 165 3.80 24.36 -21.32
N GLN D 166 4.81 25.10 -21.83
CA GLN D 166 4.61 26.15 -22.83
C GLN D 166 5.36 25.64 -24.06
N PRO D 167 4.72 24.81 -24.91
CA PRO D 167 5.44 24.20 -26.06
C PRO D 167 6.12 25.15 -27.02
N LEU D 168 5.52 26.30 -27.31
CA LEU D 168 6.11 27.28 -28.21
C LEU D 168 6.95 28.35 -27.48
N GLY D 169 7.31 28.10 -26.22
CA GLY D 169 8.12 29.00 -25.40
C GLY D 169 7.50 30.35 -25.16
N ALA D 170 6.16 30.40 -25.10
CA ALA D 170 5.37 31.60 -24.91
C ALA D 170 5.51 32.62 -26.05
N VAL D 171 5.61 32.11 -27.31
CA VAL D 171 5.54 32.98 -28.49
C VAL D 171 4.05 33.28 -28.59
N PRO D 172 3.68 34.55 -28.52
CA PRO D 172 2.26 34.91 -28.50
C PRO D 172 1.50 34.49 -29.75
N LEU D 173 0.52 33.62 -29.54
CA LEU D 173 -0.37 33.14 -30.58
C LEU D 173 -1.77 33.07 -29.99
N PRO D 174 -2.80 33.44 -30.77
CA PRO D 174 -4.17 33.30 -30.27
C PRO D 174 -4.50 31.81 -30.13
N PRO D 175 -5.49 31.47 -29.29
CA PRO D 175 -5.86 30.06 -29.15
C PRO D 175 -6.20 29.46 -30.51
N ALA D 176 -5.64 28.30 -30.82
CA ALA D 176 -5.84 27.65 -32.10
C ALA D 176 -7.20 26.93 -32.20
N ASP D 177 -7.66 26.74 -33.44
CA ASP D 177 -8.83 25.93 -33.70
C ASP D 177 -8.43 24.44 -33.80
N CYS D 178 -7.18 24.15 -34.21
CA CYS D 178 -6.72 22.79 -34.38
C CYS D 178 -5.23 22.66 -34.09
N VAL D 179 -4.86 21.61 -33.36
CA VAL D 179 -3.47 21.26 -33.11
C VAL D 179 -3.25 19.91 -33.76
N LEU D 180 -2.27 19.81 -34.66
CA LEU D 180 -2.01 18.58 -35.39
C LEU D 180 -0.64 18.02 -35.03
N SER D 181 -0.53 16.71 -34.81
CA SER D 181 0.76 16.10 -34.51
C SER D 181 0.82 14.77 -35.18
N THR D 182 1.65 14.64 -36.21
CA THR D 182 1.80 13.39 -36.98
C THR D 182 3.22 12.83 -36.81
N LEU D 183 3.32 11.55 -36.39
CA LEU D 183 4.57 10.83 -36.17
C LEU D 183 5.55 11.59 -35.25
N CYS D 184 5.05 12.21 -34.17
CA CYS D 184 5.92 12.97 -33.27
C CYS D 184 5.97 12.40 -31.85
N LEU D 185 4.80 12.28 -31.17
CA LEU D 185 4.71 11.89 -29.77
C LEU D 185 5.35 10.54 -29.42
N ASP D 186 5.23 9.50 -30.27
CA ASP D 186 5.88 8.20 -30.00
C ASP D 186 7.41 8.34 -29.89
N ALA D 187 8.01 9.19 -30.74
CA ALA D 187 9.45 9.41 -30.75
C ALA D 187 9.93 10.41 -29.67
N ALA D 188 9.04 11.29 -29.20
CA ALA D 188 9.40 12.30 -28.21
C ALA D 188 9.12 11.90 -26.76
N CYS D 189 8.25 10.92 -26.53
CA CYS D 189 7.84 10.54 -25.17
C CYS D 189 8.42 9.22 -24.70
N PRO D 190 9.28 9.25 -23.68
CA PRO D 190 9.94 8.01 -23.23
C PRO D 190 9.03 7.03 -22.49
N ASP D 191 7.89 7.51 -21.98
CA ASP D 191 6.94 6.66 -21.27
C ASP D 191 5.50 7.21 -21.39
N LEU D 192 4.49 6.47 -20.91
CA LEU D 192 3.09 6.92 -20.96
C LEU D 192 2.79 8.26 -20.22
N PRO D 193 3.30 8.50 -18.98
CA PRO D 193 3.02 9.79 -18.33
C PRO D 193 3.56 11.01 -19.06
N THR D 194 4.76 10.92 -19.73
CA THR D 194 5.26 12.03 -20.58
C THR D 194 4.31 12.21 -21.75
N TYR D 195 3.84 11.12 -22.34
CA TYR D 195 2.88 11.12 -23.44
C TYR D 195 1.59 11.86 -23.03
N CYS D 196 1.07 11.59 -21.82
CA CYS D 196 -0.14 12.22 -21.29
C CYS D 196 0.12 13.70 -21.02
N ARG D 197 1.29 14.03 -20.44
CA ARG D 197 1.66 15.43 -20.19
C ARG D 197 1.88 16.21 -21.54
N ALA D 198 2.39 15.55 -22.60
CA ALA D 198 2.58 16.16 -23.92
C ALA D 198 1.23 16.53 -24.51
N LEU D 199 0.23 15.65 -24.36
CA LEU D 199 -1.13 15.92 -24.80
C LEU D 199 -1.72 17.13 -24.03
N ARG D 200 -1.46 17.27 -22.71
CA ARG D 200 -1.91 18.44 -21.92
C ARG D 200 -1.22 19.71 -22.44
N ASN D 201 0.11 19.64 -22.68
CA ASN D 201 0.88 20.78 -23.19
C ASN D 201 0.35 21.24 -24.54
N LEU D 202 -0.05 20.29 -25.41
CA LEU D 202 -0.65 20.63 -26.70
C LEU D 202 -1.98 21.34 -26.50
N GLY D 203 -2.76 20.88 -25.54
CA GLY D 203 -4.05 21.45 -25.18
C GLY D 203 -3.99 22.90 -24.74
N SER D 204 -2.84 23.34 -24.21
CA SER D 204 -2.66 24.72 -23.78
C SER D 204 -2.74 25.71 -24.97
N LEU D 205 -2.40 25.23 -26.18
CA LEU D 205 -2.41 26.01 -27.42
C LEU D 205 -3.78 26.10 -28.06
N LEU D 206 -4.73 25.21 -27.63
CA LEU D 206 -6.06 25.04 -28.17
C LEU D 206 -7.16 25.75 -27.41
N LYS D 207 -8.17 26.22 -28.16
CA LYS D 207 -9.41 26.80 -27.62
C LYS D 207 -10.19 25.66 -26.97
N PRO D 208 -11.07 25.96 -25.98
CA PRO D 208 -12.00 24.90 -25.51
C PRO D 208 -12.91 24.47 -26.68
N GLY D 209 -13.15 23.18 -26.79
CA GLY D 209 -13.89 22.64 -27.93
C GLY D 209 -13.09 22.58 -29.23
N GLY D 210 -11.79 22.91 -29.17
CA GLY D 210 -10.94 22.90 -30.35
C GLY D 210 -10.48 21.50 -30.70
N PHE D 211 -10.12 21.27 -31.97
CA PHE D 211 -9.67 19.98 -32.50
C PHE D 211 -8.22 19.61 -32.20
N LEU D 212 -8.01 18.33 -31.85
CA LEU D 212 -6.68 17.73 -31.66
C LEU D 212 -6.64 16.57 -32.65
N VAL D 213 -5.65 16.56 -33.56
CA VAL D 213 -5.53 15.47 -34.53
C VAL D 213 -4.17 14.84 -34.37
N ILE D 214 -4.14 13.56 -34.07
CA ILE D 214 -2.90 12.82 -33.86
C ILE D 214 -2.87 11.54 -34.70
N MET D 215 -1.77 11.30 -35.38
CA MET D 215 -1.48 10.09 -36.14
C MET D 215 -0.08 9.66 -35.70
N ASP D 216 0.07 8.36 -35.39
CA ASP D 216 1.35 7.82 -34.95
C ASP D 216 1.35 6.28 -35.08
N ALA D 217 2.51 5.68 -34.82
CA ALA D 217 2.65 4.23 -34.90
C ALA D 217 2.12 3.54 -33.67
N LEU D 218 1.68 2.30 -33.85
CA LEU D 218 1.23 1.49 -32.72
C LEU D 218 2.30 0.42 -32.44
N LYS D 219 2.56 0.12 -31.14
CA LYS D 219 3.45 -0.92 -30.63
C LYS D 219 4.89 -0.92 -31.18
N SER D 220 5.42 0.24 -31.57
CA SER D 220 6.76 0.33 -32.13
C SER D 220 7.73 0.74 -31.03
N SER D 221 8.81 -0.03 -30.81
CA SER D 221 9.81 0.38 -29.82
C SER D 221 11.03 1.07 -30.52
N TYR D 222 11.06 1.11 -31.87
CA TYR D 222 12.13 1.77 -32.61
C TYR D 222 11.77 2.05 -34.05
N TYR D 223 12.57 2.90 -34.66
CA TYR D 223 12.58 3.12 -36.08
C TYR D 223 14.04 3.40 -36.50
N MET D 224 14.38 3.10 -37.75
CA MET D 224 15.71 3.24 -38.31
C MET D 224 15.81 4.36 -39.31
N ILE D 225 16.97 5.02 -39.33
CA ILE D 225 17.31 5.97 -40.37
C ILE D 225 18.64 5.49 -40.88
N GLY D 226 18.59 4.57 -41.83
CA GLY D 226 19.80 3.95 -42.34
C GLY D 226 20.19 2.92 -41.32
N GLU D 227 21.37 3.09 -40.71
CA GLU D 227 21.85 2.15 -39.71
C GLU D 227 21.67 2.64 -38.28
N GLN D 228 21.27 3.91 -38.05
CA GLN D 228 21.09 4.36 -36.67
C GLN D 228 19.65 4.12 -36.22
N LYS D 229 19.52 3.70 -34.98
CA LYS D 229 18.26 3.34 -34.38
C LYS D 229 17.78 4.46 -33.47
N PHE D 230 16.51 4.80 -33.58
CA PHE D 230 15.89 5.83 -32.75
C PHE D 230 14.75 5.17 -31.95
N SER D 231 14.58 5.59 -30.72
CA SER D 231 13.54 5.06 -29.84
C SER D 231 12.15 5.52 -30.24
N SER D 232 11.18 4.71 -29.86
CA SER D 232 9.76 4.94 -30.02
C SER D 232 9.07 4.33 -28.77
N LEU D 233 7.92 4.90 -28.38
CA LEU D 233 7.16 4.38 -27.24
C LEU D 233 6.21 3.31 -27.80
N PRO D 234 6.39 2.03 -27.44
CA PRO D 234 5.57 0.97 -28.04
C PRO D 234 4.17 0.82 -27.45
N LEU D 235 3.42 1.91 -27.44
CA LEU D 235 2.10 1.91 -26.86
C LEU D 235 1.03 1.33 -27.82
N GLY D 236 0.05 0.67 -27.20
CA GLY D 236 -1.12 0.11 -27.86
C GLY D 236 -2.25 1.11 -27.91
N ARG D 237 -3.31 0.81 -28.69
CA ARG D 237 -4.44 1.74 -28.87
C ARG D 237 -5.19 2.07 -27.62
N GLU D 238 -5.24 1.15 -26.65
CA GLU D 238 -5.94 1.40 -25.42
C GLU D 238 -5.19 2.46 -24.58
N ALA D 239 -3.85 2.41 -24.55
CA ALA D 239 -3.00 3.37 -23.82
C ALA D 239 -3.09 4.75 -24.47
N VAL D 240 -3.25 4.82 -25.81
CA VAL D 240 -3.44 6.12 -26.51
C VAL D 240 -4.76 6.71 -26.00
N GLU D 241 -5.81 5.89 -26.00
CA GLU D 241 -7.14 6.32 -25.56
C GLU D 241 -7.12 6.79 -24.12
N ALA D 242 -6.46 6.04 -23.23
CA ALA D 242 -6.38 6.39 -21.81
C ALA D 242 -5.65 7.71 -21.59
N ALA D 243 -4.49 7.92 -22.25
CA ALA D 243 -3.72 9.15 -22.08
C ALA D 243 -4.44 10.38 -22.65
N VAL D 244 -5.15 10.24 -23.77
CA VAL D 244 -5.88 11.36 -24.39
C VAL D 244 -7.02 11.80 -23.48
N LYS D 245 -7.79 10.83 -22.93
CA LYS D 245 -8.88 11.13 -21.99
C LYS D 245 -8.34 11.75 -20.70
N GLU D 246 -7.19 11.25 -20.20
CA GLU D 246 -6.59 11.83 -18.99
C GLU D 246 -6.11 13.25 -19.22
N ALA D 247 -5.60 13.54 -20.43
CA ALA D 247 -5.13 14.89 -20.73
C ALA D 247 -6.24 15.91 -20.99
N GLY D 248 -7.51 15.53 -20.82
CA GLY D 248 -8.65 16.42 -20.97
C GLY D 248 -9.28 16.51 -22.35
N TYR D 249 -9.40 15.38 -23.07
CA TYR D 249 -10.04 15.37 -24.38
C TYR D 249 -11.12 14.34 -24.44
N THR D 250 -12.06 14.54 -25.36
CA THR D 250 -13.07 13.55 -25.64
C THR D 250 -12.83 13.11 -27.10
N ILE D 251 -12.70 11.80 -27.34
CA ILE D 251 -12.39 11.28 -28.67
C ILE D 251 -13.65 11.17 -29.51
N GLU D 252 -13.62 11.78 -30.70
CA GLU D 252 -14.72 11.80 -31.65
C GLU D 252 -14.62 10.65 -32.66
N TRP D 253 -13.40 10.36 -33.08
CA TRP D 253 -13.13 9.38 -34.12
C TRP D 253 -11.77 8.74 -33.82
N PHE D 254 -11.67 7.41 -33.96
CA PHE D 254 -10.45 6.65 -33.70
C PHE D 254 -10.32 5.54 -34.72
N GLU D 255 -9.24 5.55 -35.48
CA GLU D 255 -9.00 4.57 -36.52
C GLU D 255 -7.67 3.84 -36.30
N VAL D 256 -7.63 2.59 -36.68
CA VAL D 256 -6.42 1.77 -36.62
C VAL D 256 -6.26 1.11 -37.99
N ILE D 257 -5.07 1.17 -38.58
CA ILE D 257 -4.76 0.45 -39.82
C ILE D 257 -3.64 -0.56 -39.44
N SER D 258 -3.72 -1.80 -39.97
CA SER D 258 -2.70 -2.81 -39.64
C SER D 258 -1.39 -2.65 -40.46
N GLN D 259 -1.39 -1.82 -41.52
CA GLN D 259 -0.18 -1.62 -42.34
C GLN D 259 1.01 -1.12 -41.49
N SER D 260 2.12 -1.87 -41.53
CA SER D 260 3.31 -1.54 -40.77
C SER D 260 4.48 -1.15 -41.69
N TYR D 261 5.50 -0.48 -41.15
CA TYR D 261 6.68 -0.14 -41.97
C TYR D 261 7.42 -1.44 -42.35
N SER D 262 8.41 -1.38 -43.23
CA SER D 262 9.22 -2.56 -43.58
C SER D 262 9.93 -3.08 -42.33
N SER D 263 10.09 -4.39 -42.21
CA SER D 263 10.76 -5.05 -41.08
C SER D 263 12.16 -4.47 -40.82
N THR D 264 12.85 -4.03 -41.89
CA THR D 264 14.19 -3.46 -41.74
C THR D 264 14.16 -1.99 -41.23
N MET D 265 12.96 -1.38 -41.11
CA MET D 265 12.85 0.02 -40.73
C MET D 265 12.18 0.29 -39.40
N ALA D 266 11.17 -0.49 -39.02
CA ALA D 266 10.46 -0.27 -37.75
C ALA D 266 9.72 -1.50 -37.35
N ASN D 267 9.54 -1.71 -36.05
CA ASN D 267 8.80 -2.88 -35.57
C ASN D 267 7.38 -2.53 -35.12
N ASN D 268 6.75 -1.55 -35.80
CA ASN D 268 5.38 -1.18 -35.43
C ASN D 268 4.39 -2.24 -35.84
N GLU D 269 3.26 -2.27 -35.17
CA GLU D 269 2.15 -3.15 -35.51
C GLU D 269 0.99 -2.24 -35.86
N GLY D 270 1.13 -1.56 -36.99
CA GLY D 270 0.11 -0.65 -37.49
C GLY D 270 0.28 0.81 -37.12
N LEU D 271 -0.77 1.59 -37.38
CA LEU D 271 -0.80 3.01 -37.11
C LEU D 271 -2.21 3.42 -36.68
N PHE D 272 -2.29 4.43 -35.84
CA PHE D 272 -3.59 4.96 -35.42
C PHE D 272 -3.73 6.42 -35.89
N SER D 273 -4.93 6.91 -35.89
CA SER D 273 -5.23 8.30 -36.11
C SER D 273 -6.50 8.58 -35.33
N LEU D 274 -6.55 9.73 -34.66
CA LEU D 274 -7.70 10.11 -33.90
C LEU D 274 -7.98 11.59 -34.03
N VAL D 275 -9.25 11.96 -33.86
CA VAL D 275 -9.70 13.32 -33.83
C VAL D 275 -10.37 13.49 -32.47
N ALA D 276 -9.85 14.41 -31.66
CA ALA D 276 -10.36 14.62 -30.32
C ALA D 276 -10.74 16.08 -30.13
N ARG D 277 -11.57 16.34 -29.13
CA ARG D 277 -11.99 17.68 -28.82
C ARG D 277 -11.57 18.02 -27.41
N LYS D 278 -10.95 19.19 -27.22
CA LYS D 278 -10.54 19.67 -25.90
C LYS D 278 -11.77 19.96 -25.04
N LEU D 279 -11.78 19.43 -23.81
CA LEU D 279 -12.89 19.67 -22.89
C LEU D 279 -12.71 20.99 -22.15
N SER D 280 -13.81 21.73 -21.93
CA SER D 280 -13.79 23.00 -21.21
C SER D 280 -13.79 22.72 -19.73
C1 U7H E . -6.99 -13.09 -7.94
C2 U7H E . -5.63 -12.58 -8.45
C3 U7H E . -4.61 -13.77 -8.54
O4 U7H E . -3.76 -13.88 -7.66
C7 U7H E . -2.72 -15.58 -10.87
C8 U7H E . -4.73 -14.42 -11.98
C9 U7H E . -5.55 -14.76 -10.75
C11 U7H E . -5.07 -11.55 -7.48
C15 U7H E . -8.69 -11.39 -8.85
C16 U7H E . -9.65 -10.58 -8.26
C19 U7H E . -10.54 -9.70 -9.02
C20 U7H E . -10.63 -9.92 -10.40
C21 U7H E . -11.46 -9.12 -11.19
C22 U7H E . -12.20 -8.08 -10.59
C24 U7H E . -11.30 -8.66 -8.42
C27 U7H E . -2.09 -14.61 -15.41
C30 U7H E . -3.10 -16.87 -14.04
C31 U7H E . -3.58 -18.06 -13.43
C32 U7H E . -3.50 -19.23 -14.11
C34 U7H E . -2.54 -18.26 -15.97
N5 U7H E . -4.63 -14.71 -9.57
C6 U7H E . -3.59 -15.79 -9.64
N10 U7H E . -3.69 -15.51 -12.10
O12 U7H E . -5.75 -11.95 -9.71
N13 U7H E . -8.04 -12.06 -7.81
N14 U7H E . -8.55 -11.75 -6.60
C17 U7H E . -9.54 -10.83 -6.85
C18 U7H E . -10.29 -10.24 -5.71
C23 U7H E . -12.16 -7.89 -9.20
C25 U7H E . -3.09 -15.59 -13.40
C26 U7H E . -2.10 -15.81 -16.05
C28 U7H E . -2.63 -14.48 -14.11
C29 U7H E . -2.55 -16.97 -15.35
N33 U7H E . -3.02 -19.34 -15.40
C1 GOL F . 3.63 -24.38 -17.06
O1 GOL F . 3.85 -23.04 -17.45
C2 GOL F . 2.74 -25.12 -18.05
O2 GOL F . 1.43 -24.57 -18.01
C3 GOL F . 3.28 -25.00 -19.47
O3 GOL F . 2.52 -25.81 -20.36
C1 U7H G . 7.69 11.22 6.46
C2 U7H G . 6.45 10.38 6.86
C3 U7H G . 6.15 9.36 5.72
O4 U7H G . 5.25 9.61 4.89
C7 U7H G . 6.09 5.84 5.01
C8 U7H G . 7.52 6.33 7.07
C9 U7H G . 7.96 7.63 6.43
C11 U7H G . 5.23 11.30 7.02
C15 U7H G . 8.67 11.86 8.80
C16 U7H G . 8.96 13.07 9.43
C19 U7H G . 9.53 13.21 10.77
C20 U7H G . 10.06 12.06 11.36
C21 U7H G . 10.65 12.11 12.62
C22 U7H G . 10.68 13.33 13.31
C24 U7H G . 9.58 14.43 11.46
C27 U7H G . 6.16 2.37 7.98
C30 U7H G . 7.73 2.99 5.71
C31 U7H G . 8.56 3.23 4.59
C32 U7H G . 9.19 2.17 4.01
C34 U7H G . 8.36 0.65 5.50
N5 U7H G . 6.88 8.15 5.56
C6 U7H G . 6.52 7.19 4.45
N10 U7H G . 7.19 5.35 5.95
O12 U7H G . 6.62 9.70 8.06
N13 U7H G . 8.14 12.17 7.53
N14 U7H G . 8.14 13.49 7.29
C17 U7H G . 8.63 14.08 8.43
C18 U7H G . 8.72 15.57 8.51
C23 U7H G . 10.19 14.49 12.74
C25 U7H G . 7.00 4.02 6.42
C26 U7H G . 6.83 1.38 7.32
C28 U7H G . 6.27 3.70 7.55
C29 U7H G . 7.60 1.67 6.17
N33 U7H G . 9.13 0.87 4.44
C1 U7H H . -9.65 -10.41 37.94
C2 U7H H . -11.12 -10.40 37.48
C3 U7H H . -11.98 -9.63 38.52
O4 U7H H . -12.73 -10.29 39.26
C7 U7H H . -13.92 -6.76 38.87
C8 U7H H . -12.24 -6.45 37.02
C9 U7H H . -11.22 -7.20 37.86
C11 U7H H . -11.63 -11.87 37.38
C15 U7H H . -8.34 -10.50 35.69
C16 U7H H . -7.41 -11.43 35.20
C19 U7H H . -6.72 -11.28 33.93
C20 U7H H . -6.83 -10.07 33.27
C21 U7H H . -6.14 -9.86 32.07
C22 U7H H . -5.38 -10.88 31.52
C24 U7H H . -5.93 -12.29 33.39
C27 U7H H . -15.48 -3.97 35.55
C30 U7H H . -14.16 -3.53 38.00
C31 U7H H . -13.51 -3.23 39.24
C32 U7H H . -13.73 -1.97 39.79
C34 U7H H . -15.12 -1.29 38.08
N5 U7H H . -11.97 -8.22 38.65
C6 U7H H . -12.87 -7.54 39.64
N10 U7H H . -13.20 -5.78 37.96
O12 U7H H . -11.31 -9.80 36.25
N13 U7H H . -8.72 -11.00 36.96
N14 U7H H . -8.06 -12.13 37.29
C17 U7H H . -7.26 -12.43 36.25
C18 U7H H . -6.36 -13.59 36.35
C23 U7H H . -5.26 -12.11 32.18
C25 U7H H . -14.07 -4.80 37.34
C26 U7H H . -15.62 -2.77 36.17
C28 U7H H . -14.67 -4.99 36.11
C29 U7H H . -14.98 -2.53 37.42
N33 U7H H . -14.51 -0.98 39.21
C1 U7H I . 9.28 11.61 -37.23
C2 U7H I . 10.70 11.89 -36.65
C3 U7H I . 10.84 13.40 -36.38
O4 U7H I . 11.55 14.09 -37.16
C7 U7H I . 11.28 15.59 -33.77
C8 U7H I . 10.12 13.51 -32.90
C9 U7H I . 9.35 13.44 -34.22
C11 U7H I . 11.82 11.53 -37.67
C15 U7H I . 8.83 9.15 -36.53
C16 U7H I . 8.62 7.96 -37.26
C19 U7H I . 8.31 6.66 -36.63
C20 U7H I . 7.99 6.64 -35.30
C21 U7H I . 7.66 5.46 -34.66
C22 U7H I . 7.63 4.28 -35.39
C24 U7H I . 8.22 5.47 -37.38
C27 U7H I . 12.18 14.89 -29.32
C30 U7H I . 10.19 16.35 -30.69
C31 U7H I . 9.19 17.13 -31.31
C32 U7H I . 8.64 18.15 -30.59
C34 U7H I . 9.93 17.73 -28.72
N5 U7H I . 10.22 14.03 -35.29
C6 U7H I . 10.46 15.49 -35.05
N10 U7H I . 10.43 14.98 -32.67
O12 U7H I . 10.99 11.20 -35.48
N13 U7H I . 9.05 10.17 -37.50
N14 U7H I . 8.94 9.71 -38.78
C17 U7H I . 8.73 8.36 -38.67
C18 U7H I . 8.62 7.55 -39.88
C23 U7H I . 7.89 4.28 -36.75
C25 U7H I . 10.88 15.28 -31.35
C26 U7H I . 11.61 15.92 -28.69
C28 U7H I . 11.80 14.54 -30.65
C29 U7H I . 10.57 16.65 -29.36
N33 U7H I . 9.03 18.47 -29.29
#